data_3B2X
#
_entry.id   3B2X
#
_cell.length_a   120.561
_cell.length_b   120.561
_cell.length_c   170.269
_cell.angle_alpha   90.000
_cell.angle_beta   90.000
_cell.angle_gamma   120.000
#
_symmetry.space_group_name_H-M   'P 31 2 1'
#
loop_
_entity.id
_entity.type
_entity.pdbx_description
1 polymer 'Aminopeptidase N'
2 non-polymer 'ZINC ION'
3 non-polymer 'SODIUM ION'
4 non-polymer LYSINE
5 non-polymer 'MALONATE ION'
6 non-polymer GLYCEROL
7 water water
#
_entity_poly.entity_id   1
_entity_poly.type   'polypeptide(L)'
_entity_poly.pdbx_seq_one_letter_code
;MGSSHHHHHHSSGENLYFQGHMTQQPQAKYRHDYRAPDYQITDIDLTFDLDAQKTVVTAVSQAVRHGASDAPLRLNGEDL
KLVSVHINDEPWTAWKEEEGALVISNLPERFTLKIINEISPAANTALEGLYQSGDALCTQCEAEGFRHITYYLDRPDVLA
RFTTKIIADKIKYPFLLSNGNRVAQGELENGRHWVQWQDPFPKPCYLFALVAGDFDVLRDTFTTRSGREVALELYVDRGN
LDRAPWAMTSLKNSMKWDEERFGLEYDLDIYMIVAVDFFNMGAMENKGLNIFNSKYVLARTDTATDKDYLDIERVIGHEY
FHNWTGNRVTCRDWFQLSLKEGLTVFRDQEFSSDLGSRAVNRINNVRTMRGLQFAEDASPMAHPIRPDMVIEMNNFYTLT
VYEKGAEVIRMIHTLLGEENFQKGMQLYFERHDGSAATCDDFVQAMEDASNVDLSHFRRWYSQSGTPIVTVKDDYNPETE
QYTLTISQRTPATPDQAEKQPLHIPFAIELYDNEGKVIPLQKGGHPVNSVLNVTQAEQTFVFDNVYFQPVPALLCEFSAP
VKLEYKWSDQQLTFLMRHARNDFSRWDAAQSLLATYIKLNVARHQQGQPLSLPVHVADAFRAVLLDEKIDPALAAEILTL
PSVNEMAELFDIIDPIAIAEVREALTRTLATELADELLAIYNANYQSEYRVEHEDIAKRTLRNACLRFLAFGETHLADVL
VSKQFHEANNMTDALAALSAAVAAQLPCRDALMQEYDDKWHQNGLVMDKWFILQATSPAANVLETVRGLLQHRSFTMSNP
NRIRSLIGAFAGSNPAAFHAEDGSGYLFLVEMLTDLNSRNPQVASRLIEPLIRLKRYDAKRQEKMRAALEQLKGLENLSG
DLYEKITKALA
;
_entity_poly.pdbx_strand_id   A
#
loop_
_chem_comp.id
_chem_comp.type
_chem_comp.name
_chem_comp.formula
GOL non-polymer GLYCEROL 'C3 H8 O3'
MLI non-polymer 'MALONATE ION' 'C3 H2 O4 -2'
NA non-polymer 'SODIUM ION' 'Na 1'
ZN non-polymer 'ZINC ION' 'Zn 2'
#
# COMPACT_ATOMS: atom_id res chain seq x y z
N PRO A 26 -17.34 19.28 8.70
CA PRO A 26 -17.50 17.97 8.05
C PRO A 26 -18.15 16.96 9.00
N GLN A 27 -19.15 16.23 8.51
CA GLN A 27 -19.90 15.28 9.33
C GLN A 27 -19.39 13.87 9.20
N ALA A 28 -19.27 13.17 10.33
CA ALA A 28 -18.87 11.78 10.34
C ALA A 28 -20.04 10.89 9.90
N LYS A 29 -19.71 9.84 9.16
CA LYS A 29 -20.67 8.80 8.81
C LYS A 29 -20.31 7.52 9.54
N TYR A 30 -21.33 6.73 9.88
CA TYR A 30 -21.16 5.56 10.74
C TYR A 30 -21.64 4.29 10.08
N ARG A 31 -20.84 3.23 10.23
CA ARG A 31 -21.18 1.93 9.64
C ARG A 31 -22.56 1.45 10.08
N HIS A 32 -22.90 1.66 11.35
CA HIS A 32 -24.17 1.17 11.88
C HIS A 32 -25.40 1.87 11.28
N ASP A 33 -25.17 2.98 10.57
CA ASP A 33 -26.25 3.73 9.93
C ASP A 33 -26.58 3.26 8.52
N TYR A 34 -25.87 2.23 8.03
CA TYR A 34 -26.15 1.73 6.68
C TYR A 34 -27.64 1.36 6.55
N ARG A 35 -28.27 1.84 5.47
CA ARG A 35 -29.62 1.43 5.09
C ARG A 35 -29.70 1.27 3.57
N ALA A 36 -30.46 0.28 3.10
CA ALA A 36 -30.66 0.07 1.67
C ALA A 36 -31.19 1.37 1.03
N PRO A 37 -30.81 1.64 -0.23
CA PRO A 37 -31.21 2.91 -0.85
C PRO A 37 -32.70 2.95 -1.16
N ASP A 38 -33.31 4.13 -1.05
CA ASP A 38 -34.72 4.33 -1.41
C ASP A 38 -34.97 4.14 -2.91
N TYR A 39 -33.94 4.41 -3.71
CA TYR A 39 -34.03 4.27 -5.17
C TYR A 39 -32.83 3.49 -5.67
N GLN A 40 -33.06 2.68 -6.70
CA GLN A 40 -31.99 2.09 -7.49
C GLN A 40 -31.94 2.71 -8.87
N ILE A 41 -30.75 2.66 -9.47
CA ILE A 41 -30.58 2.96 -10.89
C ILE A 41 -30.09 1.66 -11.53
N THR A 42 -30.71 1.28 -12.65
CA THR A 42 -30.42 -0.01 -13.29
C THR A 42 -29.54 0.15 -14.53
N ASP A 43 -29.68 1.30 -15.19
CA ASP A 43 -29.00 1.59 -16.45
C ASP A 43 -28.72 3.08 -16.52
N ILE A 44 -27.53 3.43 -16.99
CA ILE A 44 -27.21 4.84 -17.21
C ILE A 44 -26.52 5.00 -18.57
N ASP A 45 -26.99 6.00 -19.32
N ASP A 45 -26.97 5.99 -19.33
CA ASP A 45 -26.43 6.36 -20.60
CA ASP A 45 -26.37 6.33 -20.61
C ASP A 45 -25.77 7.74 -20.41
C ASP A 45 -25.78 7.73 -20.49
N LEU A 46 -24.45 7.79 -20.57
CA LEU A 46 -23.72 9.05 -20.44
C LEU A 46 -23.29 9.58 -21.79
N THR A 47 -23.36 10.90 -21.94
CA THR A 47 -22.72 11.58 -23.07
C THR A 47 -21.82 12.67 -22.50
N PHE A 48 -20.57 12.69 -22.96
CA PHE A 48 -19.64 13.75 -22.61
C PHE A 48 -19.33 14.56 -23.86
N ASP A 49 -19.64 15.86 -23.82
CA ASP A 49 -19.13 16.77 -24.82
C ASP A 49 -17.86 17.35 -24.20
N LEU A 50 -16.72 16.76 -24.55
CA LEU A 50 -15.47 17.01 -23.86
C LEU A 50 -14.75 18.27 -24.28
N ASP A 51 -14.28 19.00 -23.26
CA ASP A 51 -13.42 20.16 -23.43
C ASP A 51 -12.75 20.43 -22.10
N ALA A 52 -11.47 20.79 -22.12
CA ALA A 52 -10.72 20.98 -20.89
C ALA A 52 -11.31 22.08 -20.01
N GLN A 53 -11.83 23.14 -20.63
CA GLN A 53 -12.41 24.27 -19.87
C GLN A 53 -13.86 24.03 -19.47
N LYS A 54 -14.65 23.47 -20.38
CA LYS A 54 -16.08 23.24 -20.12
C LYS A 54 -16.57 21.98 -20.78
N THR A 55 -16.76 20.95 -19.97
CA THR A 55 -17.31 19.68 -20.42
C THR A 55 -18.78 19.62 -20.06
N VAL A 56 -19.61 19.22 -21.03
CA VAL A 56 -21.05 19.10 -20.82
C VAL A 56 -21.39 17.62 -20.71
N VAL A 57 -22.01 17.25 -19.59
CA VAL A 57 -22.37 15.87 -19.31
C VAL A 57 -23.88 15.73 -19.39
N THR A 58 -24.34 14.76 -20.17
CA THR A 58 -25.75 14.38 -20.22
C THR A 58 -25.85 12.97 -19.69
N ALA A 59 -26.69 12.77 -18.68
CA ALA A 59 -26.80 11.46 -18.04
C ALA A 59 -28.25 11.06 -18.00
N VAL A 60 -28.57 9.94 -18.66
CA VAL A 60 -29.94 9.43 -18.73
C VAL A 60 -29.98 8.12 -17.95
N SER A 61 -30.65 8.15 -16.81
CA SER A 61 -30.65 7.02 -15.88
C SER A 61 -32.04 6.40 -15.79
N GLN A 62 -32.10 5.07 -15.78
CA GLN A 62 -33.36 4.37 -15.55
C GLN A 62 -33.43 4.03 -14.07
N ALA A 63 -34.42 4.60 -13.39
CA ALA A 63 -34.52 4.48 -11.94
C ALA A 63 -35.76 3.73 -11.48
N VAL A 64 -35.66 3.12 -10.30
CA VAL A 64 -36.73 2.34 -9.70
CA VAL A 64 -36.75 2.38 -9.70
C VAL A 64 -36.82 2.68 -8.21
N ARG A 65 -38.01 3.04 -7.72
CA ARG A 65 -38.16 3.31 -6.30
C ARG A 65 -38.37 2.02 -5.53
N HIS A 66 -37.62 1.86 -4.44
CA HIS A 66 -37.78 0.72 -3.55
C HIS A 66 -38.33 1.16 -2.20
N GLY A 67 -38.11 2.43 -1.86
CA GLY A 67 -38.54 2.97 -0.57
C GLY A 67 -39.98 3.44 -0.58
N ALA A 68 -40.32 4.26 0.42
CA ALA A 68 -41.67 4.79 0.56
C ALA A 68 -42.04 5.71 -0.59
N SER A 69 -43.31 5.66 -1.00
CA SER A 69 -43.79 6.43 -2.13
C SER A 69 -43.54 7.93 -2.00
N ASP A 70 -43.46 8.43 -0.76
CA ASP A 70 -43.20 9.85 -0.51
C ASP A 70 -41.72 10.20 -0.28
N ALA A 71 -40.83 9.23 -0.50
CA ALA A 71 -39.40 9.46 -0.32
C ALA A 71 -38.82 10.17 -1.56
N PRO A 72 -38.06 11.25 -1.35
CA PRO A 72 -37.45 11.91 -2.53
C PRO A 72 -36.23 11.15 -2.97
N LEU A 73 -35.74 11.45 -4.16
N LEU A 73 -35.92 11.30 -4.26
CA LEU A 73 -34.46 10.92 -4.64
CA LEU A 73 -34.69 10.78 -4.82
C LEU A 73 -33.34 11.89 -4.18
C LEU A 73 -33.62 11.80 -4.52
N ARG A 74 -32.32 11.39 -3.48
N ARG A 74 -32.64 11.37 -3.73
CA ARG A 74 -31.25 12.27 -3.02
CA ARG A 74 -31.53 12.22 -3.33
C ARG A 74 -29.98 11.95 -3.78
C ARG A 74 -30.27 11.80 -4.08
N LEU A 75 -29.70 12.75 -4.81
CA LEU A 75 -28.52 12.52 -5.65
C LEU A 75 -27.33 13.28 -5.11
N ASN A 76 -26.17 12.65 -5.09
CA ASN A 76 -24.96 13.32 -4.67
C ASN A 76 -24.37 14.10 -5.83
N GLY A 77 -23.83 15.27 -5.54
CA GLY A 77 -23.13 16.04 -6.56
C GLY A 77 -22.24 17.07 -5.90
N GLU A 78 -21.06 17.29 -6.49
CA GLU A 78 -20.09 18.26 -5.98
C GLU A 78 -19.53 19.08 -7.14
N ASP A 79 -19.57 20.41 -6.98
CA ASP A 79 -18.99 21.35 -7.96
C ASP A 79 -19.51 21.09 -9.38
N LEU A 80 -20.83 20.97 -9.47
CA LEU A 80 -21.51 20.78 -10.75
C LEU A 80 -22.32 22.03 -11.07
N LYS A 81 -22.36 22.40 -12.34
CA LYS A 81 -23.27 23.44 -12.79
C LYS A 81 -24.46 22.78 -13.46
N LEU A 82 -25.60 22.78 -12.76
CA LEU A 82 -26.81 22.11 -13.26
CA LEU A 82 -26.81 22.12 -13.27
C LEU A 82 -27.40 22.92 -14.41
N VAL A 83 -27.68 22.24 -15.52
CA VAL A 83 -28.30 22.87 -16.69
C VAL A 83 -29.80 22.54 -16.75
N SER A 84 -30.14 21.27 -16.58
CA SER A 84 -31.55 20.87 -16.61
C SER A 84 -31.83 19.53 -15.96
N VAL A 85 -33.07 19.35 -15.54
CA VAL A 85 -33.57 18.11 -14.96
C VAL A 85 -34.86 17.74 -15.67
N HIS A 86 -34.91 16.53 -16.24
CA HIS A 86 -36.14 15.98 -16.83
C HIS A 86 -36.47 14.62 -16.22
N ILE A 87 -37.77 14.34 -16.09
CA ILE A 87 -38.26 13.04 -15.67
C ILE A 87 -39.20 12.58 -16.77
N ASN A 88 -38.86 11.45 -17.40
CA ASN A 88 -39.60 10.98 -18.58
C ASN A 88 -39.79 12.10 -19.62
N ASP A 89 -38.70 12.84 -19.85
CA ASP A 89 -38.65 13.96 -20.81
C ASP A 89 -39.49 15.19 -20.44
N GLU A 90 -40.06 15.18 -19.24
CA GLU A 90 -40.78 16.35 -18.73
C GLU A 90 -39.84 17.22 -17.89
N PRO A 91 -39.67 18.51 -18.28
CA PRO A 91 -38.86 19.37 -17.41
C PRO A 91 -39.44 19.38 -16.00
N TRP A 92 -38.59 19.08 -15.02
CA TRP A 92 -39.07 18.84 -13.66
C TRP A 92 -38.99 20.09 -12.80
N THR A 93 -40.07 20.37 -12.08
CA THR A 93 -40.14 21.54 -11.21
C THR A 93 -39.98 21.19 -9.73
N ALA A 94 -40.18 19.92 -9.40
CA ALA A 94 -40.17 19.48 -8.00
C ALA A 94 -38.79 18.99 -7.59
N TRP A 95 -37.85 19.93 -7.48
CA TRP A 95 -36.49 19.61 -7.04
C TRP A 95 -35.87 20.80 -6.33
N LYS A 96 -34.82 20.53 -5.55
CA LYS A 96 -34.00 21.60 -4.99
C LYS A 96 -32.57 21.14 -4.87
N GLU A 97 -31.64 22.06 -5.05
CA GLU A 97 -30.24 21.79 -4.77
C GLU A 97 -29.92 22.19 -3.33
N GLU A 98 -29.21 21.32 -2.63
CA GLU A 98 -28.73 21.59 -1.29
C GLU A 98 -27.24 21.28 -1.26
N GLU A 99 -26.58 21.55 -0.13
CA GLU A 99 -25.16 21.25 0.00
C GLU A 99 -24.87 19.80 -0.39
N GLY A 100 -24.09 19.63 -1.46
CA GLY A 100 -23.69 18.30 -1.93
C GLY A 100 -24.76 17.42 -2.53
N ALA A 101 -25.92 17.99 -2.83
CA ALA A 101 -27.05 17.16 -3.29
C ALA A 101 -28.04 17.85 -4.22
N LEU A 102 -28.73 17.02 -5.01
CA LEU A 102 -29.91 17.42 -5.76
C LEU A 102 -31.03 16.53 -5.26
N VAL A 103 -32.06 17.15 -4.68
CA VAL A 103 -33.16 16.42 -4.07
C VAL A 103 -34.40 16.53 -4.96
N ILE A 104 -34.86 15.39 -5.48
CA ILE A 104 -35.95 15.36 -6.46
C ILE A 104 -37.18 14.69 -5.84
N SER A 105 -38.28 15.43 -5.82
CA SER A 105 -39.52 14.97 -5.17
C SER A 105 -40.59 14.48 -6.13
N ASN A 106 -41.56 13.76 -5.57
CA ASN A 106 -42.84 13.45 -6.25
C ASN A 106 -42.68 12.59 -7.50
N LEU A 107 -41.90 11.53 -7.36
CA LEU A 107 -41.53 10.72 -8.50
C LEU A 107 -42.41 9.47 -8.67
N PRO A 108 -42.56 8.99 -9.91
CA PRO A 108 -43.24 7.72 -10.16
C PRO A 108 -42.38 6.57 -9.60
N GLU A 109 -42.93 5.36 -9.58
CA GLU A 109 -42.17 4.20 -9.09
C GLU A 109 -41.02 3.84 -10.02
N ARG A 110 -41.21 4.04 -11.32
CA ARG A 110 -40.18 3.78 -12.33
C ARG A 110 -40.17 4.95 -13.29
N PHE A 111 -38.97 5.41 -13.65
CA PHE A 111 -38.86 6.60 -14.51
C PHE A 111 -37.47 6.76 -15.10
N THR A 112 -37.41 7.58 -16.13
CA THR A 112 -36.17 7.99 -16.75
C THR A 112 -35.77 9.37 -16.26
N LEU A 113 -34.61 9.43 -15.62
CA LEU A 113 -34.04 10.68 -15.14
C LEU A 113 -33.02 11.19 -16.14
N LYS A 114 -33.15 12.45 -16.57
CA LYS A 114 -32.14 13.06 -17.41
CA LYS A 114 -32.13 13.06 -17.40
C LYS A 114 -31.57 14.30 -16.72
N ILE A 115 -30.26 14.32 -16.56
CA ILE A 115 -29.56 15.44 -15.96
C ILE A 115 -28.57 15.93 -17.00
N ILE A 116 -28.54 17.25 -17.22
CA ILE A 116 -27.45 17.87 -17.97
C ILE A 116 -26.73 18.81 -17.02
N ASN A 117 -25.40 18.72 -16.98
CA ASN A 117 -24.61 19.60 -16.13
C ASN A 117 -23.25 19.86 -16.74
N GLU A 118 -22.57 20.88 -16.23
CA GLU A 118 -21.25 21.23 -16.71
C GLU A 118 -20.20 21.07 -15.61
N ILE A 119 -19.00 20.71 -16.04
CA ILE A 119 -17.84 20.60 -15.16
C ILE A 119 -16.63 21.18 -15.88
N SER A 120 -15.54 21.39 -15.16
CA SER A 120 -14.35 22.04 -15.72
C SER A 120 -13.08 21.26 -15.37
N PRO A 121 -12.69 20.31 -16.24
CA PRO A 121 -11.52 19.47 -15.96
C PRO A 121 -10.23 20.27 -15.68
N ALA A 122 -10.04 21.37 -16.40
CA ALA A 122 -8.83 22.21 -16.23
C ALA A 122 -8.71 22.82 -14.84
N ALA A 123 -9.84 23.04 -14.18
CA ALA A 123 -9.88 23.63 -12.85
C ALA A 123 -9.71 22.58 -11.74
N ASN A 124 -9.67 21.31 -12.12
CA ASN A 124 -9.66 20.21 -11.15
C ASN A 124 -8.24 19.87 -10.69
N THR A 125 -7.74 20.59 -9.68
CA THR A 125 -6.39 20.33 -9.15
C THR A 125 -6.38 19.20 -8.10
N ALA A 126 -7.57 18.84 -7.60
CA ALA A 126 -7.67 17.78 -6.61
C ALA A 126 -7.48 16.38 -7.23
N LEU A 127 -7.67 16.31 -8.55
CA LEU A 127 -7.49 15.06 -9.32
C LEU A 127 -8.49 13.99 -8.89
N GLU A 128 -9.71 14.43 -8.64
CA GLU A 128 -10.82 13.55 -8.31
C GLU A 128 -12.02 13.96 -9.18
N GLY A 129 -12.58 12.98 -9.88
CA GLY A 129 -13.56 13.24 -10.93
C GLY A 129 -12.87 13.23 -12.28
N LEU A 130 -13.29 14.11 -13.17
CA LEU A 130 -12.68 14.27 -14.48
C LEU A 130 -11.66 15.41 -14.44
N TYR A 131 -10.42 15.10 -14.77
CA TYR A 131 -9.36 16.08 -14.66
C TYR A 131 -8.38 15.95 -15.81
N GLN A 132 -7.38 16.85 -15.80
CA GLN A 132 -6.38 16.91 -16.85
C GLN A 132 -5.07 16.33 -16.31
N SER A 133 -4.46 15.43 -17.08
CA SER A 133 -3.13 14.91 -16.77
C SER A 133 -2.26 15.23 -17.98
N GLY A 134 -1.44 16.27 -17.86
CA GLY A 134 -0.73 16.82 -19.02
C GLY A 134 -1.74 17.29 -20.06
N ASP A 135 -1.70 16.67 -21.25
CA ASP A 135 -2.65 17.00 -22.31
C ASP A 135 -3.86 16.07 -22.36
N ALA A 136 -3.81 15.00 -21.57
CA ALA A 136 -4.89 14.01 -21.53
C ALA A 136 -5.98 14.44 -20.56
N LEU A 137 -7.18 13.96 -20.80
CA LEU A 137 -8.27 14.01 -19.82
C LEU A 137 -8.49 12.60 -19.30
N CYS A 138 -8.66 12.48 -17.98
CA CYS A 138 -8.84 11.15 -17.38
C CYS A 138 -9.65 11.30 -16.12
N THR A 139 -10.13 10.17 -15.60
CA THR A 139 -10.96 10.18 -14.41
C THR A 139 -10.34 9.42 -13.25
N GLN A 140 -10.76 9.80 -12.04
CA GLN A 140 -10.58 8.97 -10.86
C GLN A 140 -11.86 9.09 -10.06
N CYS A 141 -12.59 7.98 -9.96
CA CYS A 141 -13.90 8.00 -9.31
C CYS A 141 -13.96 7.36 -7.93
N GLU A 142 -13.04 6.46 -7.61
CA GLU A 142 -13.04 5.90 -6.25
C GLU A 142 -12.42 6.90 -5.26
N ALA A 143 -13.03 7.13 -4.10
CA ALA A 143 -14.28 6.50 -3.63
C ALA A 143 -15.55 7.18 -4.14
N GLU A 144 -15.57 8.51 -4.05
CA GLU A 144 -16.78 9.33 -4.26
C GLU A 144 -16.52 10.45 -5.27
N GLY A 145 -15.82 10.09 -6.34
CA GLY A 145 -15.48 11.05 -7.38
C GLY A 145 -16.50 11.17 -8.49
N PHE A 146 -17.36 10.17 -8.66
CA PHE A 146 -18.31 10.24 -9.77
C PHE A 146 -19.29 11.40 -9.56
N ARG A 147 -19.59 11.70 -8.29
CA ARG A 147 -20.48 12.83 -7.98
C ARG A 147 -19.86 14.18 -8.35
N HIS A 148 -18.57 14.21 -8.65
CA HIS A 148 -17.90 15.40 -9.22
C HIS A 148 -18.06 15.50 -10.75
N ILE A 149 -18.69 14.48 -11.33
CA ILE A 149 -18.95 14.42 -12.77
C ILE A 149 -20.43 14.69 -13.10
N THR A 150 -21.33 14.05 -12.37
CA THR A 150 -22.77 14.30 -12.51
C THR A 150 -23.51 13.99 -11.22
N TYR A 151 -24.77 14.39 -11.13
CA TYR A 151 -25.59 14.07 -9.97
C TYR A 151 -26.00 12.60 -10.02
N TYR A 152 -25.66 11.84 -8.99
CA TYR A 152 -25.86 10.39 -9.07
C TYR A 152 -26.01 9.77 -7.70
N LEU A 153 -26.45 8.51 -7.68
CA LEU A 153 -26.44 7.69 -6.47
C LEU A 153 -25.02 7.14 -6.30
N ASP A 154 -24.15 8.00 -5.76
CA ASP A 154 -22.71 7.70 -5.68
C ASP A 154 -22.41 6.89 -4.42
N ARG A 155 -22.86 5.63 -4.46
CA ARG A 155 -22.73 4.68 -3.35
C ARG A 155 -22.62 3.30 -3.99
N PRO A 156 -21.70 2.46 -3.49
CA PRO A 156 -21.34 1.24 -4.25
C PRO A 156 -22.35 0.09 -4.24
N ASP A 157 -23.45 0.24 -3.49
CA ASP A 157 -24.51 -0.77 -3.54
C ASP A 157 -25.54 -0.45 -4.63
N VAL A 158 -25.30 0.62 -5.39
CA VAL A 158 -26.12 0.93 -6.56
C VAL A 158 -25.30 0.52 -7.78
N LEU A 159 -25.70 -0.58 -8.42
CA LEU A 159 -25.00 -1.12 -9.59
C LEU A 159 -25.83 -0.90 -10.83
N ALA A 160 -25.21 -0.39 -11.89
CA ALA A 160 -25.96 -0.05 -13.10
C ALA A 160 -25.17 -0.42 -14.33
N ARG A 161 -25.88 -0.71 -15.42
CA ARG A 161 -25.23 -0.99 -16.71
C ARG A 161 -24.97 0.33 -17.41
N PHE A 162 -23.69 0.58 -17.74
CA PHE A 162 -23.25 1.84 -18.34
C PHE A 162 -23.07 1.78 -19.84
N THR A 163 -23.49 2.87 -20.51
N THR A 163 -23.49 2.85 -20.52
CA THR A 163 -23.17 3.14 -21.90
CA THR A 163 -23.09 3.11 -21.89
C THR A 163 -22.55 4.54 -21.85
C THR A 163 -22.61 4.56 -21.97
N THR A 164 -21.47 4.76 -22.60
CA THR A 164 -20.74 6.02 -22.55
C THR A 164 -20.38 6.52 -23.93
N LYS A 165 -20.95 7.67 -24.30
CA LYS A 165 -20.65 8.31 -25.58
C LYS A 165 -19.75 9.49 -25.29
N ILE A 166 -18.66 9.61 -26.06
CA ILE A 166 -17.66 10.63 -25.82
C ILE A 166 -17.50 11.39 -27.11
N ILE A 167 -17.64 12.72 -27.03
CA ILE A 167 -17.49 13.60 -28.19
C ILE A 167 -16.34 14.56 -27.92
N ALA A 168 -15.41 14.69 -28.86
CA ALA A 168 -14.25 15.54 -28.63
C ALA A 168 -13.55 15.97 -29.91
N ASP A 169 -12.70 16.98 -29.79
CA ASP A 169 -11.81 17.38 -30.87
C ASP A 169 -10.92 16.21 -31.28
N LYS A 170 -10.93 15.87 -32.57
CA LYS A 170 -10.21 14.69 -33.05
C LYS A 170 -8.69 14.83 -33.00
N ILE A 171 -8.18 16.04 -33.24
CA ILE A 171 -6.74 16.27 -33.22
C ILE A 171 -6.18 16.19 -31.81
N LYS A 172 -6.87 16.81 -30.86
CA LYS A 172 -6.44 16.85 -29.48
C LYS A 172 -6.68 15.51 -28.78
N TYR A 173 -7.79 14.86 -29.12
CA TYR A 173 -8.22 13.64 -28.43
C TYR A 173 -8.56 12.52 -29.43
N PRO A 174 -7.54 12.01 -30.14
CA PRO A 174 -7.80 10.93 -31.10
C PRO A 174 -8.28 9.62 -30.47
N PHE A 175 -7.91 9.38 -29.20
CA PHE A 175 -8.35 8.19 -28.48
C PHE A 175 -9.37 8.57 -27.43
N LEU A 176 -10.55 7.97 -27.51
CA LEU A 176 -11.64 8.22 -26.57
C LEU A 176 -12.05 6.88 -26.00
N LEU A 177 -11.75 6.70 -24.72
CA LEU A 177 -11.86 5.39 -24.08
C LEU A 177 -12.82 5.44 -22.90
N SER A 178 -13.62 4.39 -22.76
CA SER A 178 -14.37 4.14 -21.52
C SER A 178 -14.47 2.63 -21.29
N ASN A 179 -15.14 2.22 -20.20
CA ASN A 179 -15.24 0.79 -19.87
C ASN A 179 -15.95 -0.02 -20.95
N GLY A 180 -15.45 -1.23 -21.20
CA GLY A 180 -16.16 -2.20 -22.02
C GLY A 180 -15.71 -2.25 -23.47
N ASN A 181 -16.68 -2.31 -24.38
CA ASN A 181 -16.43 -2.47 -25.80
C ASN A 181 -16.97 -1.29 -26.60
N ARG A 182 -16.31 -0.98 -27.72
CA ARG A 182 -16.82 0.04 -28.64
C ARG A 182 -18.02 -0.49 -29.39
N VAL A 183 -19.13 0.24 -29.33
CA VAL A 183 -20.37 -0.19 -30.00
C VAL A 183 -20.81 0.78 -31.10
N ALA A 184 -20.21 1.97 -31.12
CA ALA A 184 -20.55 2.99 -32.11
C ALA A 184 -19.43 4.01 -32.24
N GLN A 185 -19.34 4.63 -33.40
CA GLN A 185 -18.40 5.71 -33.63
C GLN A 185 -18.87 6.56 -34.80
N GLY A 186 -18.49 7.83 -34.79
CA GLY A 186 -18.86 8.74 -35.85
C GLY A 186 -17.98 9.95 -35.92
N GLU A 187 -18.09 10.67 -37.03
CA GLU A 187 -17.40 11.93 -37.19
C GLU A 187 -18.42 13.04 -37.30
N LEU A 188 -18.03 14.23 -36.87
CA LEU A 188 -18.90 15.40 -36.86
C LEU A 188 -18.22 16.55 -37.57
N GLU A 189 -18.96 17.63 -37.76
CA GLU A 189 -18.38 18.86 -38.32
C GLU A 189 -17.41 19.52 -37.34
N ASN A 190 -16.61 20.44 -37.85
CA ASN A 190 -15.70 21.24 -37.04
C ASN A 190 -14.63 20.42 -36.30
N GLY A 191 -14.19 19.33 -36.92
CA GLY A 191 -13.04 18.56 -36.46
C GLY A 191 -13.30 17.71 -35.24
N ARG A 192 -14.56 17.44 -34.95
CA ARG A 192 -14.92 16.61 -33.80
C ARG A 192 -15.27 15.19 -34.23
N HIS A 193 -15.14 14.25 -33.29
CA HIS A 193 -15.54 12.87 -33.53
C HIS A 193 -16.09 12.30 -32.24
N TRP A 194 -16.67 11.11 -32.33
CA TRP A 194 -17.24 10.47 -31.14
C TRP A 194 -17.11 8.95 -31.17
N VAL A 195 -17.12 8.37 -29.97
CA VAL A 195 -17.08 6.92 -29.80
C VAL A 195 -18.03 6.59 -28.68
N GLN A 196 -18.77 5.49 -28.83
CA GLN A 196 -19.64 5.01 -27.76
C GLN A 196 -19.21 3.64 -27.28
N TRP A 197 -19.18 3.49 -25.95
CA TRP A 197 -18.74 2.27 -25.26
C TRP A 197 -19.90 1.65 -24.50
N GLN A 198 -19.90 0.33 -24.41
CA GLN A 198 -20.87 -0.35 -23.56
C GLN A 198 -20.17 -1.40 -22.71
N ASP A 199 -20.50 -1.45 -21.42
CA ASP A 199 -19.93 -2.42 -20.50
C ASP A 199 -21.12 -3.24 -20.01
N PRO A 200 -21.17 -4.55 -20.34
CA PRO A 200 -22.35 -5.35 -20.02
C PRO A 200 -22.51 -5.66 -18.52
N PHE A 201 -21.44 -5.53 -17.75
CA PHE A 201 -21.49 -5.85 -16.32
C PHE A 201 -21.99 -4.66 -15.50
N PRO A 202 -23.09 -4.85 -14.75
CA PRO A 202 -23.50 -3.78 -13.83
C PRO A 202 -22.37 -3.42 -12.88
N LYS A 203 -22.20 -2.12 -12.63
CA LYS A 203 -21.14 -1.68 -11.76
C LYS A 203 -21.58 -0.49 -10.91
N PRO A 204 -20.97 -0.35 -9.74
CA PRO A 204 -21.08 0.88 -8.98
C PRO A 204 -20.29 1.95 -9.73
N CYS A 205 -20.65 3.21 -9.53
CA CYS A 205 -20.04 4.27 -10.34
C CYS A 205 -18.56 4.52 -10.02
N TYR A 206 -18.07 4.03 -8.88
CA TYR A 206 -16.64 4.23 -8.58
C TYR A 206 -15.73 3.52 -9.57
N LEU A 207 -16.32 2.60 -10.34
CA LEU A 207 -15.58 1.81 -11.36
C LEU A 207 -15.70 2.40 -12.77
N PHE A 208 -16.41 3.51 -12.88
CA PHE A 208 -16.50 4.22 -14.14
C PHE A 208 -15.15 4.84 -14.50
N ALA A 209 -14.77 4.77 -15.77
CA ALA A 209 -13.59 5.49 -16.23
C ALA A 209 -13.79 6.10 -17.61
N LEU A 210 -13.12 7.21 -17.84
CA LEU A 210 -13.06 7.86 -19.16
C LEU A 210 -11.65 8.38 -19.35
N VAL A 211 -11.12 8.18 -20.55
CA VAL A 211 -9.80 8.72 -20.92
C VAL A 211 -9.91 9.30 -22.31
N ALA A 212 -9.34 10.49 -22.50
CA ALA A 212 -9.27 11.11 -23.82
C ALA A 212 -7.88 11.67 -24.03
N GLY A 213 -7.26 11.38 -25.17
CA GLY A 213 -5.95 11.97 -25.43
C GLY A 213 -5.26 11.34 -26.62
N ASP A 214 -3.98 11.66 -26.76
CA ASP A 214 -3.16 11.11 -27.82
C ASP A 214 -2.08 10.25 -27.16
N PHE A 215 -1.99 9.00 -27.58
CA PHE A 215 -1.13 8.04 -26.93
C PHE A 215 -0.42 7.17 -27.94
N ASP A 216 0.74 6.64 -27.54
CA ASP A 216 1.28 5.43 -28.15
C ASP A 216 0.58 4.24 -27.49
N VAL A 217 0.37 3.18 -28.25
CA VAL A 217 -0.38 2.03 -27.75
C VAL A 217 0.38 0.74 -28.04
N LEU A 218 0.68 0.00 -26.98
CA LEU A 218 1.27 -1.33 -27.09
C LEU A 218 0.13 -2.33 -27.09
N ARG A 219 0.05 -3.13 -28.15
CA ARG A 219 -1.05 -4.07 -28.33
C ARG A 219 -0.55 -5.51 -28.28
N ASP A 220 -1.28 -6.35 -27.54
CA ASP A 220 -0.91 -7.75 -27.40
C ASP A 220 -2.20 -8.55 -27.19
N THR A 221 -2.06 -9.85 -26.99
N THR A 221 -2.05 -9.84 -26.93
CA THR A 221 -3.23 -10.70 -26.73
CA THR A 221 -3.16 -10.77 -26.82
C THR A 221 -2.92 -11.69 -25.63
C THR A 221 -2.93 -11.81 -25.71
N PHE A 222 -3.98 -12.11 -24.94
CA PHE A 222 -3.92 -13.22 -24.01
C PHE A 222 -5.10 -14.12 -24.31
N THR A 223 -4.84 -15.42 -24.43
CA THR A 223 -5.93 -16.36 -24.61
C THR A 223 -6.17 -17.09 -23.29
N THR A 224 -7.39 -17.00 -22.77
CA THR A 224 -7.69 -17.61 -21.49
C THR A 224 -7.66 -19.14 -21.60
N ARG A 225 -7.66 -19.81 -20.45
N ARG A 225 -7.70 -19.83 -20.47
CA ARG A 225 -7.62 -21.27 -20.43
CA ARG A 225 -7.57 -21.28 -20.49
C ARG A 225 -8.71 -21.84 -21.33
C ARG A 225 -8.77 -22.00 -21.11
N SER A 226 -9.91 -21.30 -21.19
CA SER A 226 -11.10 -21.84 -21.92
C SER A 226 -11.15 -21.36 -23.36
N GLY A 227 -10.21 -20.50 -23.76
CA GLY A 227 -10.09 -20.10 -25.16
C GLY A 227 -10.62 -18.73 -25.54
N ARG A 228 -10.97 -17.91 -24.55
CA ARG A 228 -11.38 -16.53 -24.81
C ARG A 228 -10.13 -15.72 -25.18
N GLU A 229 -10.15 -15.11 -26.37
CA GLU A 229 -9.04 -14.26 -26.80
C GLU A 229 -9.28 -12.84 -26.28
N VAL A 230 -8.32 -12.32 -25.53
CA VAL A 230 -8.45 -10.99 -24.95
C VAL A 230 -7.44 -10.05 -25.60
N ALA A 231 -7.92 -8.93 -26.15
CA ALA A 231 -7.04 -7.89 -26.66
C ALA A 231 -6.51 -7.08 -25.49
N LEU A 232 -5.18 -6.98 -25.41
CA LEU A 232 -4.54 -6.19 -24.36
C LEU A 232 -4.00 -4.90 -24.95
N GLU A 233 -4.35 -3.77 -24.34
CA GLU A 233 -3.92 -2.48 -24.88
C GLU A 233 -3.37 -1.60 -23.78
N LEU A 234 -2.12 -1.19 -23.93
CA LEU A 234 -1.45 -0.35 -22.96
C LEU A 234 -1.17 1.02 -23.60
N TYR A 235 -1.84 2.04 -23.07
CA TYR A 235 -1.76 3.41 -23.57
C TYR A 235 -0.76 4.20 -22.75
N VAL A 236 0.24 4.76 -23.43
CA VAL A 236 1.26 5.57 -22.79
C VAL A 236 1.47 6.88 -23.55
N ASP A 237 2.03 7.88 -22.89
CA ASP A 237 2.35 9.13 -23.60
C ASP A 237 3.23 8.85 -24.80
N ARG A 238 3.05 9.65 -25.86
CA ARG A 238 3.89 9.52 -27.05
C ARG A 238 5.36 9.53 -26.66
N GLY A 239 6.09 8.54 -27.15
CA GLY A 239 7.52 8.43 -26.89
C GLY A 239 7.89 7.44 -25.79
N ASN A 240 6.89 6.89 -25.11
CA ASN A 240 7.13 5.99 -23.97
C ASN A 240 6.95 4.50 -24.27
N LEU A 241 6.82 4.15 -25.55
CA LEU A 241 6.64 2.74 -25.94
C LEU A 241 7.81 1.85 -25.51
N ASP A 242 9.01 2.44 -25.46
CA ASP A 242 10.21 1.74 -25.00
C ASP A 242 10.16 1.33 -23.52
N ARG A 243 9.17 1.85 -22.80
CA ARG A 243 9.05 1.57 -21.37
C ARG A 243 7.81 0.76 -21.01
N ALA A 244 7.15 0.20 -22.02
CA ALA A 244 5.87 -0.49 -21.83
C ALA A 244 5.89 -2.04 -21.74
N PRO A 245 6.83 -2.72 -22.44
CA PRO A 245 6.75 -4.19 -22.43
C PRO A 245 6.75 -4.93 -21.08
N TRP A 246 7.45 -4.44 -20.07
CA TRP A 246 7.43 -5.15 -18.79
C TRP A 246 6.03 -5.16 -18.17
N ALA A 247 5.34 -4.02 -18.24
CA ALA A 247 3.97 -3.94 -17.70
C ALA A 247 3.06 -4.91 -18.45
N MET A 248 3.23 -4.98 -19.77
CA MET A 248 2.42 -5.89 -20.60
C MET A 248 2.71 -7.35 -20.22
N THR A 249 3.99 -7.66 -20.03
CA THR A 249 4.40 -9.00 -19.64
C THR A 249 3.79 -9.34 -18.28
N SER A 250 3.82 -8.36 -17.37
CA SER A 250 3.28 -8.56 -16.02
C SER A 250 1.77 -8.76 -16.06
N LEU A 251 1.08 -8.07 -16.97
CA LEU A 251 -0.37 -8.28 -17.12
C LEU A 251 -0.65 -9.71 -17.55
N LYS A 252 0.06 -10.19 -18.57
CA LYS A 252 -0.13 -11.57 -18.99
C LYS A 252 0.21 -12.55 -17.87
N ASN A 253 1.30 -12.28 -17.13
CA ASN A 253 1.66 -13.11 -15.99
C ASN A 253 0.54 -13.16 -14.94
N SER A 254 -0.08 -12.00 -14.70
CA SER A 254 -1.20 -11.89 -13.74
C SER A 254 -2.40 -12.72 -14.17
N MET A 255 -2.73 -12.62 -15.46
CA MET A 255 -3.85 -13.36 -16.01
C MET A 255 -3.63 -14.87 -15.88
N LYS A 256 -2.45 -15.33 -16.26
N LYS A 256 -2.44 -15.32 -16.25
CA LYS A 256 -2.12 -16.75 -16.15
CA LYS A 256 -2.08 -16.73 -16.17
C LYS A 256 -2.18 -17.22 -14.69
C LYS A 256 -2.08 -17.25 -14.73
N TRP A 257 -1.58 -16.45 -13.79
CA TRP A 257 -1.54 -16.85 -12.40
C TRP A 257 -2.93 -16.93 -11.78
N ASP A 258 -3.80 -15.96 -12.08
CA ASP A 258 -5.13 -16.00 -11.48
C ASP A 258 -5.87 -17.26 -11.96
N GLU A 259 -5.61 -17.67 -13.21
CA GLU A 259 -6.17 -18.93 -13.71
C GLU A 259 -5.62 -20.13 -12.93
N GLU A 260 -4.31 -20.19 -12.81
CA GLU A 260 -3.67 -21.36 -12.19
C GLU A 260 -3.97 -21.48 -10.71
N ARG A 261 -3.85 -20.38 -9.98
CA ARG A 261 -3.97 -20.40 -8.53
C ARG A 261 -5.43 -20.32 -8.05
N PHE A 262 -6.22 -19.43 -8.65
CA PHE A 262 -7.58 -19.19 -8.18
C PHE A 262 -8.66 -19.71 -9.13
N GLY A 263 -8.24 -20.18 -10.30
CA GLY A 263 -9.21 -20.65 -11.29
C GLY A 263 -10.09 -19.56 -11.88
N LEU A 264 -9.58 -18.34 -11.93
CA LEU A 264 -10.34 -17.17 -12.40
C LEU A 264 -9.86 -16.70 -13.76
N GLU A 265 -10.79 -16.51 -14.69
CA GLU A 265 -10.47 -16.00 -16.02
C GLU A 265 -11.03 -14.59 -16.21
N TYR A 266 -10.37 -13.80 -17.06
CA TYR A 266 -10.92 -12.52 -17.48
C TYR A 266 -12.24 -12.73 -18.21
N ASP A 267 -13.12 -11.74 -18.10
CA ASP A 267 -14.53 -11.90 -18.48
C ASP A 267 -15.00 -10.96 -19.59
N LEU A 268 -14.08 -10.17 -20.12
CA LEU A 268 -14.36 -9.25 -21.21
C LEU A 268 -13.40 -9.52 -22.38
N ASP A 269 -13.61 -8.75 -23.44
N ASP A 269 -13.51 -8.77 -23.47
CA ASP A 269 -12.99 -8.98 -24.75
CA ASP A 269 -12.58 -9.01 -24.59
C ASP A 269 -11.68 -8.20 -24.90
C ASP A 269 -11.56 -7.89 -24.89
N ILE A 270 -11.61 -7.09 -24.17
N ILE A 270 -11.56 -6.83 -24.09
CA ILE A 270 -10.48 -6.14 -24.16
CA ILE A 270 -10.52 -5.81 -24.19
C ILE A 270 -10.05 -5.84 -22.72
C ILE A 270 -10.08 -5.50 -22.78
N TYR A 271 -8.77 -5.55 -22.56
CA TYR A 271 -8.22 -5.11 -21.28
C TYR A 271 -7.34 -3.91 -21.59
N MET A 272 -7.78 -2.72 -21.16
CA MET A 272 -7.03 -1.48 -21.39
C MET A 272 -6.38 -1.00 -20.10
N ILE A 273 -5.14 -0.53 -20.22
CA ILE A 273 -4.45 0.16 -19.12
C ILE A 273 -3.95 1.47 -19.70
N VAL A 274 -4.17 2.57 -18.98
CA VAL A 274 -3.64 3.88 -19.38
C VAL A 274 -2.71 4.39 -18.29
N ALA A 275 -1.48 4.72 -18.69
CA ALA A 275 -0.49 5.29 -17.77
C ALA A 275 -0.57 6.81 -17.78
N VAL A 276 -0.86 7.41 -16.62
CA VAL A 276 -0.96 8.87 -16.51
C VAL A 276 0.04 9.42 -15.51
N ASP A 277 0.58 10.60 -15.77
N ASP A 277 0.51 10.63 -15.80
CA ASP A 277 1.63 11.16 -14.90
CA ASP A 277 1.58 11.31 -15.09
C ASP A 277 1.07 11.79 -13.64
C ASP A 277 1.12 11.98 -13.78
N PHE A 278 -0.18 12.24 -13.71
CA PHE A 278 -0.79 12.97 -12.60
C PHE A 278 -1.87 12.09 -11.97
N PHE A 279 -1.59 11.58 -10.78
CA PHE A 279 -2.43 10.57 -10.15
C PHE A 279 -2.12 10.51 -8.67
N ASN A 280 -3.16 10.58 -7.83
CA ASN A 280 -2.94 10.68 -6.39
C ASN A 280 -2.45 9.40 -5.72
N MET A 281 -2.93 8.28 -6.23
CA MET A 281 -2.59 6.99 -5.64
C MET A 281 -1.69 6.19 -6.59
N GLY A 282 -1.82 4.87 -6.58
CA GLY A 282 -0.95 4.02 -7.37
C GLY A 282 -1.58 3.62 -8.69
N ALA A 283 -2.80 3.11 -8.61
CA ALA A 283 -3.53 2.69 -9.81
C ALA A 283 -4.99 2.46 -9.45
N MET A 284 -5.81 2.12 -10.44
CA MET A 284 -7.24 1.99 -10.19
C MET A 284 -7.86 0.93 -11.09
N GLU A 285 -8.65 0.05 -10.48
CA GLU A 285 -9.16 -1.14 -11.14
C GLU A 285 -10.44 -0.92 -12.00
N ASN A 286 -10.61 0.24 -12.62
CA ASN A 286 -11.86 0.47 -13.38
C ASN A 286 -12.09 -0.67 -14.38
N LYS A 287 -13.32 -1.17 -14.47
CA LYS A 287 -13.61 -2.41 -15.24
C LYS A 287 -13.13 -2.28 -16.68
N GLY A 288 -12.18 -3.12 -17.06
CA GLY A 288 -11.69 -3.16 -18.46
C GLY A 288 -10.90 -1.94 -18.90
N LEU A 289 -10.74 -0.97 -18.00
CA LEU A 289 -10.00 0.27 -18.31
C LEU A 289 -9.30 0.77 -17.06
N ASN A 290 -8.23 0.06 -16.67
CA ASN A 290 -7.49 0.48 -15.50
C ASN A 290 -6.74 1.77 -15.80
N ILE A 291 -6.67 2.67 -14.82
CA ILE A 291 -5.86 3.86 -14.95
C ILE A 291 -4.75 3.77 -13.90
N PHE A 292 -3.51 3.91 -14.37
CA PHE A 292 -2.33 3.70 -13.54
C PHE A 292 -1.51 4.97 -13.42
N ASN A 293 -0.99 5.25 -12.23
CA ASN A 293 0.13 6.17 -12.08
C ASN A 293 1.27 5.61 -12.94
N SER A 294 1.88 6.45 -13.78
N SER A 294 1.89 6.46 -13.74
CA SER A 294 2.96 5.97 -14.65
CA SER A 294 3.00 6.07 -14.63
C SER A 294 4.09 5.29 -13.88
C SER A 294 4.16 5.40 -13.90
N LYS A 295 4.26 5.64 -12.59
CA LYS A 295 5.28 4.99 -11.75
C LYS A 295 5.14 3.48 -11.69
N TYR A 296 3.90 2.99 -11.89
CA TYR A 296 3.65 1.56 -11.81
C TYR A 296 3.40 0.96 -13.18
N VAL A 297 3.88 1.65 -14.21
CA VAL A 297 3.88 1.12 -15.56
C VAL A 297 5.25 1.17 -16.24
N LEU A 298 5.88 2.34 -16.22
CA LEU A 298 7.02 2.60 -17.12
C LEU A 298 8.34 2.10 -16.55
N ALA A 299 9.01 1.23 -17.29
CA ALA A 299 10.30 0.67 -16.87
C ALA A 299 11.16 0.34 -18.08
N ARG A 300 12.44 0.71 -17.98
CA ARG A 300 13.47 0.12 -18.82
C ARG A 300 14.71 0.01 -17.95
N THR A 301 15.72 -0.72 -18.39
CA THR A 301 16.79 -1.11 -17.46
C THR A 301 17.63 0.08 -16.98
N ASP A 302 17.66 1.16 -17.75
CA ASP A 302 18.44 2.33 -17.35
C ASP A 302 17.64 3.36 -16.56
N THR A 303 16.32 3.16 -16.45
CA THR A 303 15.47 4.10 -15.72
C THR A 303 14.85 3.52 -14.45
N ALA A 304 14.74 2.19 -14.39
CA ALA A 304 14.00 1.52 -13.33
C ALA A 304 14.87 0.50 -12.59
N THR A 305 14.66 0.38 -11.28
CA THR A 305 15.42 -0.58 -10.45
C THR A 305 14.68 -1.92 -10.37
N ASP A 306 15.34 -2.94 -9.82
CA ASP A 306 14.70 -4.23 -9.56
C ASP A 306 13.41 -4.01 -8.77
N LYS A 307 13.48 -3.14 -7.75
CA LYS A 307 12.31 -2.83 -6.93
C LYS A 307 11.18 -2.26 -7.78
N ASP A 308 11.49 -1.33 -8.68
CA ASP A 308 10.47 -0.81 -9.62
C ASP A 308 9.84 -1.92 -10.46
N TYR A 309 10.69 -2.79 -11.03
CA TYR A 309 10.15 -3.90 -11.80
C TYR A 309 9.18 -4.75 -10.98
N LEU A 310 9.57 -5.08 -9.76
CA LEU A 310 8.75 -5.93 -8.90
C LEU A 310 7.50 -5.19 -8.39
N ASP A 311 7.61 -3.89 -8.18
CA ASP A 311 6.42 -3.05 -7.86
C ASP A 311 5.43 -2.98 -9.03
N ILE A 312 5.95 -2.84 -10.25
CA ILE A 312 5.08 -2.83 -11.44
C ILE A 312 4.35 -4.17 -11.53
N GLU A 313 5.09 -5.26 -11.34
CA GLU A 313 4.48 -6.59 -11.30
C GLU A 313 3.36 -6.68 -10.25
N ARG A 314 3.65 -6.24 -9.02
N ARG A 314 3.68 -6.20 -9.05
CA ARG A 314 2.66 -6.30 -7.94
CA ARG A 314 2.79 -6.19 -7.89
C ARG A 314 1.41 -5.47 -8.28
C ARG A 314 1.49 -5.41 -8.12
N VAL A 315 1.62 -4.23 -8.72
CA VAL A 315 0.47 -3.31 -8.91
C VAL A 315 -0.34 -3.68 -10.14
N ILE A 316 0.34 -4.05 -11.23
CA ILE A 316 -0.40 -4.62 -12.37
C ILE A 316 -1.26 -5.80 -11.91
N GLY A 317 -0.64 -6.73 -11.19
CA GLY A 317 -1.37 -7.88 -10.69
C GLY A 317 -2.52 -7.45 -9.80
N HIS A 318 -2.24 -6.61 -8.81
CA HIS A 318 -3.26 -6.10 -7.88
C HIS A 318 -4.51 -5.62 -8.62
N GLU A 319 -4.34 -4.70 -9.56
CA GLU A 319 -5.51 -4.13 -10.26
C GLU A 319 -6.21 -5.21 -11.08
N TYR A 320 -5.44 -6.13 -11.66
CA TYR A 320 -6.04 -7.23 -12.39
C TYR A 320 -6.87 -8.12 -11.45
N PHE A 321 -6.30 -8.41 -10.28
CA PHE A 321 -6.98 -9.31 -9.33
C PHE A 321 -8.31 -8.71 -8.83
N HIS A 322 -8.40 -7.37 -8.83
CA HIS A 322 -9.66 -6.71 -8.44
C HIS A 322 -10.79 -7.08 -9.41
N ASN A 323 -10.45 -7.54 -10.62
CA ASN A 323 -11.52 -7.82 -11.56
C ASN A 323 -12.57 -8.76 -10.96
N TRP A 324 -12.10 -9.71 -10.15
CA TRP A 324 -13.00 -10.60 -9.37
C TRP A 324 -13.22 -10.08 -7.95
N THR A 325 -12.14 -9.76 -7.25
CA THR A 325 -12.25 -9.35 -5.85
C THR A 325 -12.34 -7.82 -5.79
N GLY A 326 -13.52 -7.31 -6.12
CA GLY A 326 -13.76 -5.87 -6.16
C GLY A 326 -14.79 -5.51 -7.22
N ASN A 327 -14.67 -6.10 -8.41
CA ASN A 327 -15.54 -5.74 -9.52
C ASN A 327 -16.70 -6.73 -9.67
N ARG A 328 -16.40 -8.00 -9.95
CA ARG A 328 -17.48 -8.99 -10.05
C ARG A 328 -18.24 -9.14 -8.73
N VAL A 329 -17.50 -9.09 -7.61
CA VAL A 329 -18.12 -8.87 -6.29
C VAL A 329 -17.56 -7.57 -5.75
N THR A 330 -18.45 -6.62 -5.48
CA THR A 330 -18.04 -5.30 -5.01
C THR A 330 -18.42 -5.09 -3.53
N CYS A 331 -18.33 -3.84 -3.06
CA CYS A 331 -18.55 -3.51 -1.64
C CYS A 331 -19.92 -2.88 -1.45
N ARG A 332 -20.66 -3.36 -0.46
CA ARG A 332 -21.99 -2.81 -0.15
C ARG A 332 -21.92 -1.33 0.25
N ASP A 333 -20.87 -0.97 0.96
CA ASP A 333 -20.65 0.38 1.46
C ASP A 333 -19.16 0.52 1.70
N TRP A 334 -18.70 1.75 1.88
CA TRP A 334 -17.26 2.00 1.99
C TRP A 334 -16.61 1.50 3.27
N PHE A 335 -17.40 1.26 4.31
CA PHE A 335 -16.86 0.62 5.50
C PHE A 335 -16.37 -0.80 5.22
N GLN A 336 -16.86 -1.40 4.12
CA GLN A 336 -16.43 -2.74 3.72
C GLN A 336 -15.23 -2.73 2.79
N LEU A 337 -14.50 -1.61 2.74
CA LEU A 337 -13.37 -1.48 1.79
C LEU A 337 -12.40 -2.67 1.83
N SER A 338 -12.07 -3.13 3.03
CA SER A 338 -11.09 -4.22 3.17
C SER A 338 -11.57 -5.52 2.50
N LEU A 339 -12.88 -5.68 2.35
CA LEU A 339 -13.44 -6.84 1.63
C LEU A 339 -12.74 -7.01 0.29
N LYS A 340 -12.50 -5.90 -0.41
CA LYS A 340 -11.77 -5.97 -1.69
C LYS A 340 -10.29 -5.68 -1.51
N GLU A 341 -9.92 -4.76 -0.62
CA GLU A 341 -8.49 -4.38 -0.52
C GLU A 341 -7.63 -5.39 0.23
N GLY A 342 -8.12 -5.90 1.37
CA GLY A 342 -7.36 -6.91 2.10
C GLY A 342 -7.18 -8.16 1.25
N LEU A 343 -8.27 -8.58 0.61
CA LEU A 343 -8.27 -9.81 -0.17
C LEU A 343 -7.42 -9.63 -1.45
N THR A 344 -7.47 -8.44 -2.04
CA THR A 344 -6.69 -8.21 -3.28
C THR A 344 -5.22 -8.01 -2.98
N VAL A 345 -4.92 -7.38 -1.85
CA VAL A 345 -3.51 -7.33 -1.40
C VAL A 345 -2.98 -8.74 -1.12
N PHE A 346 -3.77 -9.57 -0.44
CA PHE A 346 -3.39 -10.97 -0.20
C PHE A 346 -3.08 -11.65 -1.53
N ARG A 347 -3.96 -11.43 -2.51
CA ARG A 347 -3.77 -12.00 -3.84
C ARG A 347 -2.49 -11.49 -4.51
N ASP A 348 -2.23 -10.18 -4.41
CA ASP A 348 -1.00 -9.65 -5.04
C ASP A 348 0.26 -10.18 -4.34
N GLN A 349 0.17 -10.42 -3.03
CA GLN A 349 1.31 -10.99 -2.29
C GLN A 349 1.55 -12.44 -2.69
N GLU A 350 0.47 -13.19 -2.85
CA GLU A 350 0.58 -14.58 -3.27
C GLU A 350 1.13 -14.72 -4.68
N PHE A 351 0.73 -13.79 -5.54
CA PHE A 351 1.20 -13.72 -6.92
C PHE A 351 2.71 -13.46 -6.92
N SER A 352 3.13 -12.40 -6.24
CA SER A 352 4.55 -12.06 -6.18
C SER A 352 5.37 -13.19 -5.56
N SER A 353 4.81 -13.80 -4.51
CA SER A 353 5.50 -14.86 -3.77
C SER A 353 5.62 -16.12 -4.60
N ASP A 354 4.57 -16.46 -5.34
CA ASP A 354 4.62 -17.65 -6.22
C ASP A 354 5.64 -17.46 -7.32
N LEU A 355 5.63 -16.32 -7.99
CA LEU A 355 6.54 -16.07 -9.12
C LEU A 355 7.98 -15.81 -8.70
N GLY A 356 8.15 -15.15 -7.56
CA GLY A 356 9.48 -14.76 -7.09
C GLY A 356 9.92 -15.52 -5.86
N SER A 357 10.61 -14.82 -4.95
CA SER A 357 11.04 -15.43 -3.69
C SER A 357 9.96 -15.26 -2.64
N ARG A 358 9.37 -16.36 -2.21
CA ARG A 358 8.35 -16.27 -1.17
C ARG A 358 8.92 -15.70 0.12
N ALA A 359 10.12 -16.14 0.49
CA ALA A 359 10.75 -15.66 1.72
C ALA A 359 10.98 -14.14 1.70
N VAL A 360 11.52 -13.62 0.60
CA VAL A 360 11.78 -12.19 0.51
C VAL A 360 10.47 -11.39 0.53
N ASN A 361 9.47 -11.86 -0.21
CA ASN A 361 8.16 -11.22 -0.15
C ASN A 361 7.60 -11.18 1.27
N ARG A 362 7.66 -12.33 1.95
CA ARG A 362 7.11 -12.40 3.32
C ARG A 362 7.88 -11.46 4.25
N ILE A 363 9.22 -11.50 4.18
CA ILE A 363 10.05 -10.61 4.97
C ILE A 363 9.68 -9.14 4.75
N ASN A 364 9.56 -8.73 3.49
CA ASN A 364 9.28 -7.33 3.20
C ASN A 364 7.88 -6.92 3.65
N ASN A 365 6.91 -7.82 3.51
CA ASN A 365 5.56 -7.53 3.97
C ASN A 365 5.47 -7.45 5.48
N VAL A 366 6.31 -8.24 6.16
CA VAL A 366 6.41 -8.14 7.63
C VAL A 366 7.09 -6.82 8.06
N ARG A 367 8.15 -6.42 7.37
N ARG A 367 8.14 -6.41 7.34
CA ARG A 367 8.76 -5.11 7.63
CA ARG A 367 8.79 -5.10 7.59
C ARG A 367 7.70 -4.01 7.58
C ARG A 367 7.78 -3.95 7.51
N THR A 368 6.88 -4.02 6.54
CA THR A 368 5.82 -3.01 6.37
C THR A 368 4.82 -3.06 7.53
N MET A 369 4.42 -4.28 7.92
CA MET A 369 3.48 -4.42 9.03
C MET A 369 4.04 -3.89 10.35
N ARG A 370 5.18 -4.43 10.76
N ARG A 370 5.28 -4.27 10.67
CA ARG A 370 5.75 -4.18 12.10
CA ARG A 370 5.91 -3.79 11.91
C ARG A 370 6.22 -2.75 12.28
C ARG A 370 6.47 -2.35 11.82
N GLY A 371 6.67 -2.15 11.18
N GLY A 371 7.05 -1.96 10.69
CA GLY A 371 7.13 -0.77 11.20
CA GLY A 371 7.64 -0.63 10.55
C GLY A 371 5.99 0.18 10.92
C GLY A 371 6.65 0.50 10.36
N LEU A 372 5.54 0.20 9.68
CA LEU A 372 4.57 1.22 9.26
C LEU A 372 3.17 0.99 9.78
N GLN A 373 2.65 -0.23 9.66
CA GLN A 373 1.23 -0.45 10.05
C GLN A 373 1.05 -0.39 11.57
N PHE A 374 1.97 -1.00 12.32
CA PHE A 374 1.90 -0.95 13.80
C PHE A 374 1.87 0.50 14.28
N ALA A 375 2.68 1.36 13.63
CA ALA A 375 2.69 2.80 13.96
C ALA A 375 1.30 3.42 13.78
N GLU A 376 0.65 3.07 12.69
CA GLU A 376 -0.69 3.60 12.42
C GLU A 376 -1.68 3.13 13.48
N ASP A 377 -1.59 1.85 13.86
CA ASP A 377 -2.46 1.27 14.90
C ASP A 377 -2.20 1.81 16.31
N ALA A 378 -1.07 2.51 16.47
N ALA A 378 -1.09 2.53 16.49
CA ALA A 378 -0.68 3.18 17.73
CA ALA A 378 -0.78 3.18 17.78
C ALA A 378 -0.83 4.69 17.61
C ALA A 378 -1.29 4.63 17.79
N SER A 379 -1.58 5.14 16.59
CA SER A 379 -1.77 6.57 16.34
C SER A 379 -3.21 7.05 16.54
N PRO A 380 -3.42 8.38 16.53
CA PRO A 380 -4.78 8.94 16.57
C PRO A 380 -5.70 8.48 15.43
N MET A 381 -5.11 8.05 14.31
CA MET A 381 -5.91 7.55 13.18
C MET A 381 -6.24 6.06 13.25
N ALA A 382 -5.95 5.40 14.37
CA ALA A 382 -6.18 3.95 14.47
C ALA A 382 -7.63 3.59 14.13
N HIS A 383 -7.81 2.51 13.37
CA HIS A 383 -9.14 2.03 13.02
C HIS A 383 -9.11 0.52 12.80
N PRO A 384 -10.25 -0.17 12.99
CA PRO A 384 -10.32 -1.59 12.62
C PRO A 384 -10.23 -1.72 11.09
N ILE A 385 -9.91 -2.91 10.59
CA ILE A 385 -9.84 -3.07 9.14
C ILE A 385 -11.19 -2.80 8.48
N ARG A 386 -12.27 -2.96 9.24
CA ARG A 386 -13.60 -2.52 8.84
C ARG A 386 -13.95 -1.32 9.73
N PRO A 387 -13.70 -0.08 9.24
CA PRO A 387 -13.96 1.08 10.11
C PRO A 387 -15.41 1.23 10.54
N ASP A 388 -15.59 1.91 11.67
CA ASP A 388 -16.93 2.21 12.20
C ASP A 388 -17.36 3.65 11.95
N MET A 389 -16.38 4.53 11.76
CA MET A 389 -16.61 5.97 11.65
C MET A 389 -15.63 6.59 10.64
N VAL A 390 -16.18 7.30 9.66
CA VAL A 390 -15.39 7.91 8.60
C VAL A 390 -15.93 9.32 8.29
N ILE A 391 -15.03 10.31 8.26
CA ILE A 391 -15.40 11.65 7.80
C ILE A 391 -15.08 11.79 6.31
N GLU A 392 -13.84 11.48 5.94
CA GLU A 392 -13.42 11.55 4.54
C GLU A 392 -12.92 10.16 4.12
N MET A 393 -13.68 9.49 3.26
CA MET A 393 -13.35 8.10 2.91
C MET A 393 -11.98 7.97 2.24
N ASN A 394 -11.52 9.01 1.54
CA ASN A 394 -10.17 8.90 0.94
C ASN A 394 -9.06 8.76 1.99
N ASN A 395 -9.37 9.10 3.24
CA ASN A 395 -8.42 8.94 4.34
C ASN A 395 -8.26 7.49 4.81
N PHE A 396 -9.06 6.57 4.26
CA PHE A 396 -9.11 5.18 4.74
C PHE A 396 -8.57 4.13 3.78
N TYR A 397 -7.79 4.60 2.80
CA TYR A 397 -7.01 3.72 1.91
C TYR A 397 -5.66 3.51 2.56
N THR A 398 -5.68 2.76 3.66
CA THR A 398 -4.60 2.77 4.63
C THR A 398 -3.80 1.49 4.74
N LEU A 399 -2.63 1.59 5.37
CA LEU A 399 -1.86 0.41 5.78
C LEU A 399 -2.73 -0.60 6.53
N THR A 400 -3.66 -0.08 7.33
CA THR A 400 -4.52 -0.97 8.10
C THR A 400 -5.49 -1.72 7.18
N VAL A 401 -6.24 -0.97 6.38
CA VAL A 401 -7.25 -1.59 5.50
C VAL A 401 -6.61 -2.55 4.48
N TYR A 402 -5.45 -2.17 3.97
CA TYR A 402 -4.74 -2.95 2.95
C TYR A 402 -3.85 -4.04 3.55
N GLU A 403 -2.79 -3.60 4.22
CA GLU A 403 -1.78 -4.55 4.72
C GLU A 403 -2.24 -5.38 5.93
N LYS A 404 -2.84 -4.75 6.95
CA LYS A 404 -3.41 -5.58 8.01
C LYS A 404 -4.61 -6.38 7.47
N GLY A 405 -5.39 -5.74 6.60
CA GLY A 405 -6.47 -6.47 5.90
C GLY A 405 -5.98 -7.78 5.29
N ALA A 406 -4.83 -7.73 4.61
CA ALA A 406 -4.25 -8.93 3.99
C ALA A 406 -3.78 -9.94 5.03
N GLU A 407 -3.21 -9.45 6.14
CA GLU A 407 -2.81 -10.34 7.25
C GLU A 407 -4.01 -11.10 7.82
N VAL A 408 -5.18 -10.43 7.87
CA VAL A 408 -6.40 -11.10 8.31
C VAL A 408 -6.85 -12.18 7.31
N ILE A 409 -6.82 -11.88 6.02
CA ILE A 409 -7.10 -12.91 5.00
C ILE A 409 -6.11 -14.08 5.15
N ARG A 410 -4.83 -13.76 5.35
CA ARG A 410 -3.79 -14.78 5.48
C ARG A 410 -4.01 -15.66 6.73
N MET A 411 -4.53 -15.06 7.81
CA MET A 411 -4.88 -15.86 8.99
C MET A 411 -6.00 -16.84 8.68
N ILE A 412 -6.99 -16.40 7.89
CA ILE A 412 -8.01 -17.32 7.42
C ILE A 412 -7.37 -18.47 6.63
N HIS A 413 -6.47 -18.13 5.70
CA HIS A 413 -5.73 -19.13 4.94
C HIS A 413 -4.96 -20.09 5.85
N THR A 414 -4.32 -19.56 6.89
CA THR A 414 -3.60 -20.38 7.87
C THR A 414 -4.53 -21.33 8.62
N LEU A 415 -5.67 -20.81 9.06
CA LEU A 415 -6.65 -21.65 9.77
C LEU A 415 -7.32 -22.70 8.89
N LEU A 416 -7.49 -22.39 7.60
CA LEU A 416 -8.26 -23.27 6.72
C LEU A 416 -7.41 -24.22 5.87
N GLY A 417 -6.22 -23.77 5.51
CA GLY A 417 -5.41 -24.46 4.50
C GLY A 417 -5.86 -24.07 3.11
N GLU A 418 -4.96 -24.22 2.14
CA GLU A 418 -5.22 -23.81 0.77
C GLU A 418 -6.50 -24.39 0.16
N GLU A 419 -6.70 -25.70 0.32
N GLU A 419 -6.72 -25.69 0.34
CA GLU A 419 -7.87 -26.37 -0.27
CA GLU A 419 -7.87 -26.34 -0.31
C GLU A 419 -9.17 -25.75 0.22
C GLU A 419 -9.22 -25.86 0.23
N ASN A 420 -9.34 -25.71 1.55
CA ASN A 420 -10.55 -25.12 2.16
C ASN A 420 -10.68 -23.64 1.83
N PHE A 421 -9.56 -22.94 1.78
CA PHE A 421 -9.57 -21.51 1.43
C PHE A 421 -10.13 -21.32 0.02
N GLN A 422 -9.68 -22.16 -0.91
CA GLN A 422 -10.18 -22.04 -2.28
C GLN A 422 -11.66 -22.43 -2.38
N LYS A 423 -12.10 -23.41 -1.58
CA LYS A 423 -13.53 -23.74 -1.49
C LYS A 423 -14.32 -22.52 -1.01
N GLY A 424 -13.78 -21.81 -0.02
CA GLY A 424 -14.40 -20.56 0.46
C GLY A 424 -14.47 -19.49 -0.61
N MET A 425 -13.38 -19.32 -1.37
CA MET A 425 -13.39 -18.38 -2.50
C MET A 425 -14.51 -18.75 -3.48
N GLN A 426 -14.61 -20.04 -3.79
CA GLN A 426 -15.60 -20.50 -4.76
C GLN A 426 -17.02 -20.24 -4.27
N LEU A 427 -17.26 -20.47 -2.98
CA LEU A 427 -18.60 -20.24 -2.41
C LEU A 427 -18.92 -18.74 -2.35
N TYR A 428 -17.91 -17.95 -2.01
CA TYR A 428 -18.02 -16.49 -2.04
C TYR A 428 -18.48 -15.99 -3.42
N PHE A 429 -17.82 -16.42 -4.49
CA PHE A 429 -18.23 -16.00 -5.83
C PHE A 429 -19.61 -16.56 -6.21
N GLU A 430 -19.85 -17.82 -5.86
CA GLU A 430 -21.12 -18.45 -6.21
C GLU A 430 -22.29 -17.65 -5.61
N ARG A 431 -22.15 -17.24 -4.35
CA ARG A 431 -23.20 -16.50 -3.66
C ARG A 431 -23.30 -15.05 -4.09
N HIS A 432 -22.16 -14.40 -4.35
CA HIS A 432 -22.15 -12.94 -4.41
C HIS A 432 -21.77 -12.34 -5.76
N ASP A 433 -21.41 -13.18 -6.72
CA ASP A 433 -21.12 -12.71 -8.09
C ASP A 433 -22.26 -11.81 -8.57
N GLY A 434 -21.89 -10.61 -9.03
CA GLY A 434 -22.84 -9.65 -9.60
C GLY A 434 -23.51 -8.77 -8.56
N SER A 435 -22.99 -8.81 -7.34
CA SER A 435 -23.57 -8.04 -6.23
C SER A 435 -22.53 -7.26 -5.41
N ALA A 436 -23.02 -6.40 -4.53
CA ALA A 436 -22.21 -5.69 -3.55
C ALA A 436 -22.31 -6.45 -2.23
N ALA A 437 -21.19 -6.82 -1.64
CA ALA A 437 -21.22 -7.68 -0.44
C ALA A 437 -20.52 -7.02 0.74
N THR A 438 -20.49 -7.73 1.88
CA THR A 438 -19.87 -7.19 3.09
C THR A 438 -18.71 -8.07 3.55
N CYS A 439 -17.85 -7.53 4.42
CA CYS A 439 -16.80 -8.33 5.04
C CYS A 439 -17.40 -9.57 5.67
N ASP A 440 -18.52 -9.40 6.35
CA ASP A 440 -19.15 -10.53 7.02
C ASP A 440 -19.57 -11.62 6.03
N ASP A 441 -20.08 -11.23 4.86
CA ASP A 441 -20.44 -12.19 3.81
C ASP A 441 -19.24 -13.07 3.45
N PHE A 442 -18.07 -12.43 3.33
CA PHE A 442 -16.87 -13.15 2.97
C PHE A 442 -16.47 -14.16 4.06
N VAL A 443 -16.44 -13.71 5.31
CA VAL A 443 -16.13 -14.62 6.42
C VAL A 443 -17.11 -15.80 6.45
N GLN A 444 -18.41 -15.51 6.26
N GLN A 444 -18.40 -15.49 6.26
CA GLN A 444 -19.42 -16.57 6.27
CA GLN A 444 -19.45 -16.52 6.22
C GLN A 444 -19.21 -17.60 5.17
C GLN A 444 -19.18 -17.58 5.17
N ALA A 445 -18.77 -17.15 3.98
CA ALA A 445 -18.47 -18.07 2.89
C ALA A 445 -17.31 -18.99 3.26
N MET A 446 -16.26 -18.41 3.85
CA MET A 446 -15.10 -19.20 4.29
C MET A 446 -15.50 -20.21 5.35
N GLU A 447 -16.30 -19.76 6.31
CA GLU A 447 -16.76 -20.61 7.41
C GLU A 447 -17.66 -21.74 6.88
N ASP A 448 -18.61 -21.40 6.02
CA ASP A 448 -19.54 -22.40 5.48
C ASP A 448 -18.86 -23.43 4.58
N ALA A 449 -17.91 -22.99 3.75
CA ALA A 449 -17.24 -23.90 2.83
C ALA A 449 -16.29 -24.85 3.56
N SER A 450 -15.66 -24.36 4.63
CA SER A 450 -14.60 -25.11 5.31
C SER A 450 -15.06 -25.88 6.55
N ASN A 451 -16.19 -25.48 7.12
CA ASN A 451 -16.66 -25.98 8.42
C ASN A 451 -15.72 -25.64 9.58
N VAL A 452 -14.88 -24.62 9.37
CA VAL A 452 -14.07 -24.05 10.44
C VAL A 452 -14.84 -22.89 11.05
N ASP A 453 -15.01 -22.92 12.37
CA ASP A 453 -15.75 -21.87 13.07
C ASP A 453 -14.94 -20.57 13.12
N LEU A 454 -15.49 -19.53 12.50
CA LEU A 454 -14.83 -18.22 12.46
C LEU A 454 -15.61 -17.13 13.22
N SER A 455 -16.50 -17.53 14.12
N SER A 455 -16.50 -17.54 14.12
CA SER A 455 -17.27 -16.56 14.90
CA SER A 455 -17.27 -16.59 14.92
C SER A 455 -16.40 -15.67 15.77
C SER A 455 -16.38 -15.67 15.75
N HIS A 456 -15.48 -16.27 16.52
CA HIS A 456 -14.53 -15.49 17.33
C HIS A 456 -13.59 -14.72 16.40
N PHE A 457 -13.17 -15.37 15.32
CA PHE A 457 -12.26 -14.75 14.37
C PHE A 457 -12.76 -13.39 13.86
N ARG A 458 -14.08 -13.27 13.71
CA ARG A 458 -14.67 -12.03 13.19
C ARG A 458 -14.26 -10.77 13.96
N ARG A 459 -13.88 -10.92 15.23
CA ARG A 459 -13.45 -9.78 16.04
C ARG A 459 -12.25 -9.05 15.43
N TRP A 460 -11.47 -9.75 14.60
CA TRP A 460 -10.37 -9.07 13.90
C TRP A 460 -10.87 -7.94 12.98
N TYR A 461 -12.13 -8.01 12.54
CA TYR A 461 -12.69 -6.97 11.68
C TYR A 461 -13.15 -5.75 12.46
N SER A 462 -13.44 -5.93 13.74
N SER A 462 -13.48 -5.96 13.74
CA SER A 462 -14.08 -4.87 14.52
CA SER A 462 -14.11 -4.95 14.60
C SER A 462 -13.20 -4.24 15.59
C SER A 462 -13.16 -4.20 15.52
N GLN A 463 -12.03 -4.83 15.84
CA GLN A 463 -11.12 -4.33 16.86
C GLN A 463 -9.85 -3.75 16.28
N SER A 464 -9.53 -2.51 16.66
CA SER A 464 -8.30 -1.86 16.23
C SER A 464 -7.14 -2.14 17.19
N GLY A 465 -5.95 -1.69 16.82
CA GLY A 465 -4.77 -1.84 17.66
C GLY A 465 -4.06 -3.17 17.46
N THR A 466 -2.82 -3.22 17.91
CA THR A 466 -1.98 -4.39 17.74
C THR A 466 -1.99 -5.25 19.01
N PRO A 467 -2.42 -6.53 18.91
CA PRO A 467 -2.32 -7.38 20.09
C PRO A 467 -0.86 -7.62 20.45
N ILE A 468 -0.62 -7.73 21.76
CA ILE A 468 0.69 -8.11 22.28
C ILE A 468 0.54 -9.52 22.84
N VAL A 469 1.34 -10.44 22.32
CA VAL A 469 1.29 -11.84 22.74
C VAL A 469 2.56 -12.12 23.55
N THR A 470 2.38 -12.51 24.82
CA THR A 470 3.50 -12.78 25.73
C THR A 470 3.62 -14.28 25.90
N VAL A 471 4.84 -14.79 25.74
CA VAL A 471 5.07 -16.22 25.84
C VAL A 471 6.09 -16.50 26.94
N LYS A 472 5.74 -17.44 27.80
CA LYS A 472 6.66 -18.01 28.79
C LYS A 472 6.71 -19.50 28.56
N ASP A 473 7.85 -20.11 28.84
CA ASP A 473 7.97 -21.53 28.62
C ASP A 473 8.62 -22.28 29.78
N ASP A 474 8.41 -23.58 29.80
CA ASP A 474 9.01 -24.43 30.80
C ASP A 474 9.32 -25.80 30.21
N TYR A 475 10.51 -26.31 30.50
CA TYR A 475 10.82 -27.67 30.11
C TYR A 475 10.95 -28.53 31.36
N ASN A 476 10.21 -29.63 31.39
CA ASN A 476 10.25 -30.56 32.51
C ASN A 476 11.00 -31.82 32.12
N PRO A 477 12.24 -31.98 32.62
CA PRO A 477 13.03 -33.16 32.24
C PRO A 477 12.52 -34.48 32.80
N GLU A 478 11.82 -34.43 33.94
CA GLU A 478 11.25 -35.64 34.55
C GLU A 478 10.18 -36.26 33.65
N THR A 479 9.37 -35.40 33.05
CA THR A 479 8.21 -35.87 32.29
C THR A 479 8.40 -35.71 30.78
N GLU A 480 9.50 -35.07 30.41
CA GLU A 480 9.79 -34.74 29.00
C GLU A 480 8.62 -33.97 28.38
N GLN A 481 8.14 -32.97 29.12
CA GLN A 481 7.07 -32.11 28.67
C GLN A 481 7.54 -30.68 28.54
N TYR A 482 7.07 -30.01 27.49
CA TYR A 482 7.36 -28.62 27.26
C TYR A 482 6.04 -27.87 27.35
N THR A 483 6.01 -26.82 28.17
CA THR A 483 4.80 -26.05 28.40
C THR A 483 4.98 -24.61 27.94
N LEU A 484 4.07 -24.16 27.06
CA LEU A 484 4.00 -22.77 26.66
C LEU A 484 2.82 -22.12 27.35
N THR A 485 3.10 -21.04 28.09
CA THR A 485 2.04 -20.23 28.68
C THR A 485 1.96 -18.95 27.85
N ILE A 486 0.82 -18.79 27.18
CA ILE A 486 0.67 -17.71 26.22
C ILE A 486 -0.46 -16.79 26.66
N SER A 487 -0.14 -15.50 26.72
CA SER A 487 -1.15 -14.52 27.05
CA SER A 487 -1.10 -14.45 27.10
C SER A 487 -1.27 -13.46 25.96
N GLN A 488 -2.44 -12.82 25.89
CA GLN A 488 -2.63 -11.76 24.92
C GLN A 488 -3.36 -10.59 25.54
N ARG A 489 -3.09 -9.41 25.02
N ARG A 489 -3.09 -9.42 25.01
CA ARG A 489 -3.89 -8.21 25.32
CA ARG A 489 -3.85 -8.21 25.29
C ARG A 489 -3.63 -7.13 24.28
C ARG A 489 -3.69 -7.26 24.12
N THR A 490 -4.69 -6.40 23.94
CA THR A 490 -4.58 -5.29 23.02
C THR A 490 -4.79 -4.06 23.90
N PRO A 491 -3.80 -3.15 23.91
CA PRO A 491 -3.98 -1.91 24.64
C PRO A 491 -5.11 -1.09 24.03
N ALA A 492 -5.79 -0.32 24.87
CA ALA A 492 -6.79 0.62 24.37
C ALA A 492 -6.16 1.53 23.32
N THR A 493 -7.00 1.94 22.36
CA THR A 493 -6.60 2.85 21.30
C THR A 493 -7.51 4.09 21.41
N PRO A 494 -7.11 5.21 20.78
CA PRO A 494 -7.93 6.43 20.87
C PRO A 494 -9.38 6.24 20.40
N ASP A 495 -9.59 5.31 19.47
CA ASP A 495 -10.93 5.06 18.92
C ASP A 495 -11.77 4.04 19.70
N GLN A 496 -11.13 3.23 20.56
CA GLN A 496 -11.81 2.14 21.27
C GLN A 496 -11.29 1.93 22.68
N ALA A 497 -12.15 2.20 23.67
CA ALA A 497 -11.80 2.00 25.07
C ALA A 497 -11.93 0.54 25.50
N GLU A 498 -12.68 -0.25 24.73
CA GLU A 498 -12.89 -1.64 25.08
C GLU A 498 -12.15 -2.55 24.11
N LYS A 499 -11.41 -3.50 24.67
CA LYS A 499 -10.70 -4.50 23.88
C LYS A 499 -10.98 -5.89 24.44
N GLN A 500 -11.01 -6.88 23.55
CA GLN A 500 -11.27 -8.27 23.94
C GLN A 500 -10.24 -9.19 23.28
N PRO A 501 -10.06 -10.40 23.83
CA PRO A 501 -9.17 -11.39 23.20
C PRO A 501 -9.59 -11.74 21.78
N LEU A 502 -8.59 -11.95 20.93
CA LEU A 502 -8.82 -12.36 19.53
C LEU A 502 -8.51 -13.82 19.36
N HIS A 503 -8.93 -14.37 18.22
CA HIS A 503 -8.56 -15.71 17.83
C HIS A 503 -7.26 -15.60 17.05
N ILE A 504 -6.15 -15.90 17.73
CA ILE A 504 -4.81 -15.71 17.18
C ILE A 504 -4.21 -17.05 16.75
N PRO A 505 -4.00 -17.27 15.45
CA PRO A 505 -3.29 -18.47 15.00
C PRO A 505 -1.81 -18.29 15.29
N PHE A 506 -1.27 -19.13 16.17
CA PHE A 506 0.07 -18.92 16.68
C PHE A 506 0.94 -20.11 16.31
N ALA A 507 1.68 -19.98 15.21
CA ALA A 507 2.44 -21.11 14.66
C ALA A 507 3.76 -21.28 15.39
N ILE A 508 4.08 -22.51 15.75
CA ILE A 508 5.35 -22.79 16.43
C ILE A 508 6.12 -23.94 15.78
N GLU A 509 7.42 -23.98 16.08
N GLU A 509 7.41 -24.02 16.09
CA GLU A 509 8.28 -25.11 15.77
CA GLU A 509 8.25 -25.16 15.74
C GLU A 509 9.20 -25.30 16.96
C GLU A 509 9.33 -25.32 16.80
N LEU A 510 9.55 -26.56 17.26
CA LEU A 510 10.48 -26.83 18.36
C LEU A 510 11.72 -27.53 17.82
N TYR A 511 12.89 -27.02 18.18
CA TYR A 511 14.17 -27.57 17.67
C TYR A 511 14.99 -28.25 18.75
N ASP A 512 15.50 -29.44 18.44
CA ASP A 512 16.43 -30.10 19.36
C ASP A 512 17.86 -29.55 19.22
N ASN A 513 18.81 -30.15 19.93
CA ASN A 513 20.18 -29.64 19.99
C ASN A 513 20.93 -29.77 18.66
N GLU A 514 20.41 -30.64 17.80
CA GLU A 514 20.97 -30.87 16.46
C GLU A 514 20.34 -29.95 15.42
N GLY A 515 19.35 -29.16 15.83
CA GLY A 515 18.63 -28.33 14.89
C GLY A 515 17.56 -29.09 14.13
N LYS A 516 17.17 -30.25 14.66
CA LYS A 516 16.10 -31.05 14.08
C LYS A 516 14.77 -30.70 14.74
N VAL A 517 13.71 -30.77 13.94
CA VAL A 517 12.37 -30.46 14.42
C VAL A 517 11.83 -31.59 15.30
N ILE A 518 11.37 -31.22 16.50
CA ILE A 518 10.77 -32.16 17.43
C ILE A 518 9.28 -32.30 17.10
N PRO A 519 8.81 -33.53 16.82
CA PRO A 519 7.37 -33.71 16.55
C PRO A 519 6.50 -33.21 17.71
N LEU A 520 5.47 -32.43 17.36
CA LEU A 520 4.53 -31.91 18.34
C LEU A 520 3.43 -32.93 18.58
N GLN A 521 3.26 -33.30 19.84
CA GLN A 521 2.28 -34.31 20.22
C GLN A 521 1.88 -34.15 21.67
N LYS A 522 0.75 -34.75 22.02
CA LYS A 522 0.26 -34.79 23.39
C LYS A 522 -0.65 -36.00 23.53
N GLY A 523 -0.45 -36.77 24.61
CA GLY A 523 -1.25 -37.95 24.90
C GLY A 523 -1.26 -39.02 23.82
N GLY A 524 -0.17 -39.10 23.06
CA GLY A 524 -0.04 -40.10 22.00
C GLY A 524 -0.64 -39.69 20.66
N HIS A 525 -1.08 -38.44 20.56
CA HIS A 525 -1.66 -37.90 19.33
C HIS A 525 -0.90 -36.66 18.89
N PRO A 526 -0.64 -36.55 17.57
CA PRO A 526 -0.02 -35.33 17.04
C PRO A 526 -0.88 -34.09 17.31
N VAL A 527 -0.20 -32.95 17.47
CA VAL A 527 -0.85 -31.68 17.73
C VAL A 527 -0.47 -30.76 16.57
N ASN A 528 -1.46 -30.03 16.05
CA ASN A 528 -1.21 -29.06 14.99
C ASN A 528 -0.27 -27.97 15.47
N SER A 529 0.68 -27.60 14.63
CA SER A 529 1.68 -26.59 14.99
C SER A 529 1.11 -25.16 15.02
N VAL A 530 -0.08 -24.96 14.46
CA VAL A 530 -0.77 -23.67 14.57
C VAL A 530 -1.64 -23.73 15.82
N LEU A 531 -1.18 -23.12 16.90
CA LEU A 531 -1.93 -23.11 18.15
C LEU A 531 -3.05 -22.08 18.08
N ASN A 532 -4.22 -22.44 18.59
CA ASN A 532 -5.34 -21.51 18.64
C ASN A 532 -5.33 -20.74 19.95
N VAL A 533 -4.75 -19.55 19.91
CA VAL A 533 -4.64 -18.69 21.08
C VAL A 533 -5.88 -17.81 21.09
N THR A 534 -6.88 -18.21 21.88
CA THR A 534 -8.19 -17.58 21.87
C THR A 534 -8.57 -16.89 23.19
N GLN A 535 -7.76 -17.13 24.23
N GLN A 535 -7.76 -17.14 24.23
CA GLN A 535 -8.04 -16.62 25.56
CA GLN A 535 -8.05 -16.66 25.58
C GLN A 535 -7.03 -15.56 25.98
C GLN A 535 -7.03 -15.58 26.00
N ALA A 536 -7.34 -14.84 27.05
CA ALA A 536 -6.41 -13.85 27.62
C ALA A 536 -5.14 -14.55 28.10
N GLU A 537 -5.32 -15.76 28.65
CA GLU A 537 -4.20 -16.62 29.02
C GLU A 537 -4.56 -18.08 28.84
N GLN A 538 -3.59 -18.86 28.37
CA GLN A 538 -3.79 -20.29 28.20
C GLN A 538 -2.46 -21.00 28.17
N THR A 539 -2.51 -22.30 28.43
N THR A 539 -2.49 -22.28 28.52
CA THR A 539 -1.33 -23.14 28.51
CA THR A 539 -1.30 -23.11 28.46
C THR A 539 -1.41 -24.26 27.48
C THR A 539 -1.43 -24.16 27.36
N PHE A 540 -0.30 -24.53 26.79
CA PHE A 540 -0.23 -25.62 25.84
C PHE A 540 0.88 -26.54 26.32
N VAL A 541 0.57 -27.83 26.43
CA VAL A 541 1.54 -28.81 26.89
C VAL A 541 1.85 -29.80 25.77
N PHE A 542 3.13 -30.08 25.58
CA PHE A 542 3.57 -31.03 24.56
C PHE A 542 4.37 -32.11 25.26
N ASP A 543 4.12 -33.35 24.85
N ASP A 543 4.13 -33.37 24.92
CA ASP A 543 4.75 -34.56 25.42
CA ASP A 543 4.91 -34.44 25.54
C ASP A 543 5.87 -35.07 24.52
C ASP A 543 5.85 -35.09 24.54
N ASN A 544 6.64 -36.04 25.03
CA ASN A 544 7.72 -36.65 24.25
C ASN A 544 8.67 -35.61 23.64
N VAL A 545 8.92 -34.57 24.43
CA VAL A 545 9.90 -33.56 24.06
C VAL A 545 11.20 -34.04 24.69
N TYR A 546 12.01 -34.71 23.87
CA TYR A 546 13.14 -35.52 24.33
C TYR A 546 14.37 -34.69 24.66
N PHE A 547 14.34 -33.41 24.33
CA PHE A 547 15.44 -32.49 24.61
C PHE A 547 14.85 -31.11 24.82
N GLN A 548 15.46 -30.31 25.70
CA GLN A 548 15.03 -28.93 25.90
C GLN A 548 15.02 -28.18 24.57
N PRO A 549 13.83 -27.75 24.11
CA PRO A 549 13.78 -27.15 22.78
C PRO A 549 14.23 -25.70 22.69
N VAL A 550 14.70 -25.31 21.51
CA VAL A 550 14.74 -23.90 21.12
C VAL A 550 13.49 -23.69 20.28
N PRO A 551 12.58 -22.80 20.73
CA PRO A 551 11.33 -22.60 19.98
C PRO A 551 11.50 -21.57 18.87
N ALA A 552 10.85 -21.82 17.74
CA ALA A 552 10.57 -20.76 16.77
C ALA A 552 9.10 -20.40 16.97
N LEU A 553 8.83 -19.12 17.24
CA LEU A 553 7.49 -18.67 17.65
C LEU A 553 6.91 -17.72 16.63
N LEU A 554 5.58 -17.76 16.46
CA LEU A 554 4.90 -16.91 15.48
C LEU A 554 5.52 -17.10 14.11
N CYS A 555 5.69 -18.36 13.72
CA CYS A 555 6.31 -18.72 12.45
C CYS A 555 5.61 -18.08 11.27
N GLU A 556 6.43 -17.56 10.34
CA GLU A 556 5.97 -16.83 9.16
C GLU A 556 5.05 -15.66 9.52
N PHE A 557 5.23 -15.11 10.73
CA PHE A 557 4.40 -14.00 11.24
C PHE A 557 2.94 -14.42 11.10
N SER A 558 2.58 -15.50 11.81
CA SER A 558 1.28 -16.16 11.63
C SER A 558 0.07 -15.33 12.07
N ALA A 559 0.32 -14.27 12.83
CA ALA A 559 -0.74 -13.33 13.24
C ALA A 559 -0.09 -11.95 13.36
N PRO A 560 -0.85 -10.88 13.06
CA PRO A 560 -0.25 -9.55 13.11
C PRO A 560 -0.17 -9.01 14.54
N VAL A 561 0.83 -9.48 15.28
CA VAL A 561 0.94 -9.19 16.71
C VAL A 561 2.38 -8.88 17.09
N LYS A 562 2.53 -8.23 18.24
CA LYS A 562 3.84 -8.00 18.86
CA LYS A 562 3.85 -8.02 18.85
C LYS A 562 4.16 -9.20 19.75
N LEU A 563 5.32 -9.81 19.57
CA LEU A 563 5.71 -10.97 20.35
C LEU A 563 6.62 -10.56 21.51
N GLU A 564 6.28 -10.99 22.73
CA GLU A 564 7.15 -10.77 23.89
C GLU A 564 7.60 -12.11 24.41
N TYR A 565 8.86 -12.44 24.13
CA TYR A 565 9.45 -13.67 24.65
C TYR A 565 10.88 -13.33 25.04
N LYS A 566 11.32 -13.85 26.19
CA LYS A 566 12.65 -13.54 26.71
C LYS A 566 13.73 -14.41 26.05
N TRP A 567 14.04 -14.10 24.79
CA TRP A 567 15.09 -14.78 24.04
C TRP A 567 16.45 -14.62 24.70
N SER A 568 17.30 -15.65 24.62
CA SER A 568 18.74 -15.47 24.84
C SER A 568 19.37 -15.19 23.48
N ASP A 569 20.54 -14.54 23.46
CA ASP A 569 21.24 -14.29 22.20
C ASP A 569 21.52 -15.60 21.48
N GLN A 570 21.91 -16.62 22.24
CA GLN A 570 22.30 -17.92 21.66
C GLN A 570 21.11 -18.68 21.04
N GLN A 571 19.92 -18.54 21.64
CA GLN A 571 18.71 -19.12 21.02
C GLN A 571 18.50 -18.51 19.64
N LEU A 572 18.69 -17.19 19.55
CA LEU A 572 18.48 -16.47 18.30
C LEU A 572 19.53 -16.80 17.24
N THR A 573 20.80 -16.87 17.62
CA THR A 573 21.83 -17.25 16.64
C THR A 573 21.68 -18.71 16.20
N PHE A 574 21.20 -19.56 17.11
CA PHE A 574 20.86 -20.95 16.79
C PHE A 574 19.79 -20.97 15.70
N LEU A 575 18.74 -20.18 15.87
CA LEU A 575 17.68 -20.10 14.86
C LEU A 575 18.20 -19.57 13.52
N MET A 576 19.10 -18.60 13.56
CA MET A 576 19.68 -18.06 12.33
C MET A 576 20.40 -19.15 11.53
N ARG A 577 20.92 -20.14 12.26
CA ARG A 577 21.68 -21.25 11.70
C ARG A 577 20.75 -22.38 11.24
N HIS A 578 19.75 -22.69 12.07
CA HIS A 578 19.02 -23.96 11.97
C HIS A 578 17.55 -23.91 11.57
N ALA A 579 16.88 -22.76 11.74
CA ALA A 579 15.44 -22.69 11.45
C ALA A 579 15.13 -23.16 10.02
N ARG A 580 14.07 -23.96 9.89
CA ARG A 580 13.70 -24.56 8.59
C ARG A 580 13.24 -23.54 7.55
N ASN A 581 12.43 -22.56 7.97
CA ASN A 581 11.93 -21.55 7.05
C ASN A 581 12.84 -20.35 7.06
N ASP A 582 13.20 -19.88 5.86
CA ASP A 582 14.06 -18.72 5.72
C ASP A 582 13.51 -17.49 6.45
N PHE A 583 12.19 -17.36 6.51
CA PHE A 583 11.62 -16.25 7.27
C PHE A 583 12.05 -16.26 8.74
N SER A 584 12.04 -17.44 9.37
CA SER A 584 12.43 -17.57 10.79
C SER A 584 13.88 -17.17 11.02
N ARG A 585 14.74 -17.48 10.06
CA ARG A 585 16.15 -17.12 10.18
C ARG A 585 16.33 -15.60 10.17
N TRP A 586 15.63 -14.93 9.26
CA TRP A 586 15.63 -13.47 9.21
C TRP A 586 15.03 -12.88 10.48
N ASP A 587 13.90 -13.43 10.90
CA ASP A 587 13.18 -12.91 12.05
C ASP A 587 14.01 -13.02 13.33
N ALA A 588 14.74 -14.14 13.48
CA ALA A 588 15.65 -14.31 14.62
C ALA A 588 16.73 -13.23 14.63
N ALA A 589 17.24 -12.90 13.44
CA ALA A 589 18.24 -11.83 13.33
C ALA A 589 17.64 -10.49 13.76
N GLN A 590 16.37 -10.26 13.42
CA GLN A 590 15.69 -9.03 13.81
C GLN A 590 15.56 -8.92 15.33
N SER A 591 15.19 -10.03 15.96
CA SER A 591 15.07 -10.07 17.43
C SER A 591 16.42 -9.82 18.10
N LEU A 592 17.48 -10.38 17.49
CA LEU A 592 18.84 -10.19 18.00
C LEU A 592 19.24 -8.71 17.91
N LEU A 593 19.03 -8.12 16.74
CA LEU A 593 19.34 -6.71 16.52
C LEU A 593 18.53 -5.79 17.43
N ALA A 594 17.25 -6.12 17.63
CA ALA A 594 16.36 -5.26 18.42
C ALA A 594 16.96 -4.95 19.80
N THR A 595 17.48 -5.99 20.45
CA THR A 595 18.06 -5.85 21.78
C THR A 595 19.17 -4.79 21.76
N TYR A 596 20.02 -4.85 20.74
CA TYR A 596 21.19 -3.97 20.67
C TYR A 596 20.89 -2.60 20.09
N ILE A 597 19.83 -2.50 19.30
CA ILE A 597 19.31 -1.20 18.88
C ILE A 597 18.80 -0.44 20.11
N LYS A 598 18.01 -1.11 20.94
CA LYS A 598 17.49 -0.49 22.17
C LYS A 598 18.64 -0.10 23.08
N LEU A 599 19.61 -0.99 23.26
CA LEU A 599 20.77 -0.72 24.12
C LEU A 599 21.44 0.55 23.65
N ASN A 600 21.70 0.62 22.35
CA ASN A 600 22.51 1.72 21.82
C ASN A 600 21.78 3.04 21.65
N VAL A 601 20.46 3.00 21.50
CA VAL A 601 19.68 4.25 21.59
C VAL A 601 19.76 4.85 23.01
N ALA A 602 19.63 4.02 24.04
CA ALA A 602 19.79 4.49 25.42
C ALA A 602 21.18 5.08 25.63
N ARG A 603 22.19 4.39 25.10
CA ARG A 603 23.57 4.87 25.20
C ARG A 603 23.74 6.23 24.51
N HIS A 604 23.18 6.35 23.30
CA HIS A 604 23.26 7.62 22.56
C HIS A 604 22.73 8.78 23.41
N GLN A 605 21.61 8.56 24.08
CA GLN A 605 20.98 9.58 24.91
C GLN A 605 21.86 9.99 26.09
N GLN A 606 22.77 9.10 26.48
CA GLN A 606 23.71 9.31 27.57
CA GLN A 606 23.70 9.42 27.57
C GLN A 606 25.09 9.79 27.05
N GLY A 607 25.18 10.01 25.74
CA GLY A 607 26.42 10.49 25.11
C GLY A 607 27.49 9.42 24.96
N GLN A 608 27.07 8.16 24.93
CA GLN A 608 28.02 7.05 24.85
C GLN A 608 28.01 6.37 23.50
N PRO A 609 29.19 5.85 23.08
CA PRO A 609 29.29 5.27 21.74
C PRO A 609 28.72 3.86 21.66
N LEU A 610 28.60 3.35 20.43
CA LEU A 610 28.03 2.03 20.20
C LEU A 610 28.77 0.95 20.98
N SER A 611 28.01 0.02 21.54
CA SER A 611 28.52 -1.17 22.20
C SER A 611 27.82 -2.37 21.57
N LEU A 612 28.60 -3.37 21.17
CA LEU A 612 28.03 -4.57 20.54
C LEU A 612 28.90 -5.76 20.87
N PRO A 613 28.30 -6.81 21.46
CA PRO A 613 29.09 -8.00 21.80
C PRO A 613 29.71 -8.63 20.57
N VAL A 614 30.94 -9.14 20.73
CA VAL A 614 31.64 -9.83 19.65
C VAL A 614 30.77 -10.92 19.02
N HIS A 615 30.06 -11.70 19.84
CA HIS A 615 29.27 -12.81 19.29
C HIS A 615 28.11 -12.35 18.39
N VAL A 616 27.66 -11.10 18.54
CA VAL A 616 26.63 -10.57 17.63
C VAL A 616 27.22 -10.28 16.24
N ALA A 617 28.36 -9.58 16.21
CA ALA A 617 29.09 -9.39 14.95
C ALA A 617 29.38 -10.74 14.27
N ASP A 618 29.76 -11.74 15.07
CA ASP A 618 30.08 -13.07 14.54
C ASP A 618 28.91 -13.75 13.83
N ALA A 619 27.70 -13.53 14.33
CA ALA A 619 26.50 -14.11 13.72
C ALA A 619 26.32 -13.57 12.30
N PHE A 620 26.59 -12.28 12.11
CA PHE A 620 26.49 -11.68 10.79
C PHE A 620 27.64 -12.05 9.87
N ARG A 621 28.84 -12.21 10.43
CA ARG A 621 29.97 -12.77 9.68
C ARG A 621 29.61 -14.14 9.11
N ALA A 622 28.99 -14.97 9.96
CA ALA A 622 28.59 -16.33 9.55
C ALA A 622 27.62 -16.32 8.37
N VAL A 623 26.71 -15.35 8.37
CA VAL A 623 25.75 -15.19 7.27
C VAL A 623 26.47 -14.87 5.95
N LEU A 624 27.44 -13.95 6.01
CA LEU A 624 28.23 -13.57 4.84
C LEU A 624 29.00 -14.73 4.25
N LEU A 625 29.54 -15.58 5.12
CA LEU A 625 30.43 -16.65 4.69
C LEU A 625 29.74 -18.00 4.49
N ASP A 626 28.44 -18.06 4.78
CA ASP A 626 27.68 -19.29 4.58
C ASP A 626 27.48 -19.53 3.08
N GLU A 627 28.02 -20.64 2.60
CA GLU A 627 27.96 -20.97 1.17
C GLU A 627 26.64 -21.60 0.75
N LYS A 628 25.85 -22.05 1.73
CA LYS A 628 24.60 -22.76 1.46
C LYS A 628 23.37 -21.83 1.47
N ILE A 629 23.49 -20.71 2.19
CA ILE A 629 22.36 -19.78 2.35
C ILE A 629 21.96 -19.12 1.02
N ASP A 630 20.66 -19.04 0.79
CA ASP A 630 20.09 -18.35 -0.37
C ASP A 630 20.56 -16.88 -0.32
N PRO A 631 21.21 -16.39 -1.40
CA PRO A 631 21.62 -14.98 -1.41
C PRO A 631 20.45 -14.01 -1.11
N ALA A 632 19.24 -14.36 -1.54
CA ALA A 632 18.05 -13.55 -1.28
C ALA A 632 17.83 -13.37 0.21
N LEU A 633 18.01 -14.46 0.97
CA LEU A 633 17.89 -14.41 2.43
C LEU A 633 19.04 -13.66 3.08
N ALA A 634 20.28 -13.96 2.65
CA ALA A 634 21.45 -13.27 3.18
C ALA A 634 21.29 -11.76 3.03
N ALA A 635 20.82 -11.34 1.86
CA ALA A 635 20.64 -9.91 1.57
C ALA A 635 19.71 -9.25 2.58
N GLU A 636 18.63 -9.93 2.94
CA GLU A 636 17.66 -9.34 3.88
C GLU A 636 18.19 -9.30 5.32
N ILE A 637 18.91 -10.35 5.71
CA ILE A 637 19.53 -10.38 7.02
C ILE A 637 20.57 -9.25 7.11
N LEU A 638 21.22 -8.96 5.99
CA LEU A 638 22.24 -7.91 5.94
C LEU A 638 21.67 -6.53 5.62
N THR A 639 20.34 -6.43 5.63
CA THR A 639 19.66 -5.14 5.46
C THR A 639 19.10 -4.75 6.83
N LEU A 640 19.69 -3.71 7.43
CA LEU A 640 19.30 -3.33 8.78
C LEU A 640 17.86 -2.80 8.79
N PRO A 641 17.14 -3.01 9.90
CA PRO A 641 15.81 -2.42 10.01
C PRO A 641 15.85 -0.94 9.72
N SER A 642 14.83 -0.42 9.04
CA SER A 642 14.78 1.00 8.69
C SER A 642 14.56 1.82 9.96
N VAL A 643 14.78 3.14 9.86
CA VAL A 643 14.49 4.01 11.01
C VAL A 643 13.02 3.94 11.46
N ASN A 644 12.11 3.62 10.54
CA ASN A 644 10.70 3.42 10.92
C ASN A 644 10.48 2.10 11.66
N GLU A 645 11.13 1.03 11.21
CA GLU A 645 11.09 -0.23 11.95
C GLU A 645 11.69 -0.06 13.35
N MET A 646 12.82 0.66 13.43
CA MET A 646 13.49 0.89 14.71
C MET A 646 12.61 1.70 15.67
N ALA A 647 11.91 2.69 15.13
CA ALA A 647 10.99 3.51 15.93
C ALA A 647 9.96 2.68 16.70
N GLU A 648 9.47 1.60 16.11
N GLU A 648 9.49 1.61 16.05
CA GLU A 648 8.42 0.82 16.79
CA GLU A 648 8.51 0.68 16.60
C GLU A 648 8.94 -0.10 17.89
C GLU A 648 8.94 0.05 17.93
N LEU A 649 10.25 -0.04 18.14
CA LEU A 649 10.80 -0.71 19.31
C LEU A 649 10.64 0.12 20.58
N PHE A 650 10.23 1.38 20.44
CA PHE A 650 10.23 2.36 21.53
C PHE A 650 8.86 2.96 21.79
N ASP A 651 8.56 3.19 23.07
CA ASP A 651 7.33 3.90 23.43
C ASP A 651 7.44 5.36 23.03
N ILE A 652 8.52 6.01 23.46
CA ILE A 652 8.80 7.37 23.04
C ILE A 652 9.96 7.33 22.05
N ILE A 653 9.71 7.88 20.86
CA ILE A 653 10.68 7.83 19.76
C ILE A 653 11.67 8.99 19.88
N ASP A 654 12.96 8.64 19.87
CA ASP A 654 14.02 9.62 19.76
C ASP A 654 14.61 9.48 18.35
N PRO A 655 14.12 10.29 17.40
CA PRO A 655 14.47 10.06 15.99
C PRO A 655 15.94 10.36 15.66
N ILE A 656 16.55 11.26 16.41
CA ILE A 656 17.95 11.57 16.21
C ILE A 656 18.83 10.42 16.72
N ALA A 657 18.56 9.95 17.94
CA ALA A 657 19.26 8.77 18.46
C ALA A 657 19.14 7.58 17.51
N ILE A 658 17.93 7.33 17.02
CA ILE A 658 17.70 6.20 16.11
C ILE A 658 18.53 6.33 14.82
N ALA A 659 18.53 7.52 14.22
CA ALA A 659 19.28 7.74 12.97
C ALA A 659 20.77 7.54 13.20
N GLU A 660 21.26 8.11 14.29
CA GLU A 660 22.69 8.07 14.55
CA GLU A 660 22.70 8.08 14.64
C GLU A 660 23.16 6.66 14.95
N VAL A 661 22.30 5.93 15.67
CA VAL A 661 22.60 4.55 16.05
C VAL A 661 22.60 3.64 14.81
N ARG A 662 21.66 3.88 13.90
CA ARG A 662 21.63 3.11 12.66
C ARG A 662 22.93 3.30 11.89
N GLU A 663 23.38 4.55 11.80
CA GLU A 663 24.66 4.84 11.14
C GLU A 663 25.84 4.19 11.86
N ALA A 664 25.87 4.32 13.19
CA ALA A 664 26.96 3.78 13.99
C ALA A 664 27.03 2.26 13.89
N LEU A 665 25.86 1.61 13.90
CA LEU A 665 25.79 0.16 13.74
C LEU A 665 26.31 -0.27 12.37
N THR A 666 25.93 0.48 11.34
CA THR A 666 26.43 0.25 9.98
C THR A 666 27.96 0.39 9.92
N ARG A 667 28.49 1.45 10.52
CA ARG A 667 29.95 1.67 10.53
C ARG A 667 30.70 0.59 11.30
N THR A 668 30.15 0.17 12.43
CA THR A 668 30.78 -0.88 13.24
C THR A 668 30.82 -2.21 12.49
N LEU A 669 29.71 -2.59 11.86
CA LEU A 669 29.68 -3.81 11.08
C LEU A 669 30.59 -3.70 9.86
N ALA A 670 30.65 -2.51 9.26
CA ALA A 670 31.52 -2.28 8.10
C ALA A 670 32.98 -2.52 8.47
N THR A 671 33.36 -2.06 9.67
CA THR A 671 34.74 -2.23 10.14
C THR A 671 35.04 -3.68 10.50
N GLU A 672 34.16 -4.30 11.28
CA GLU A 672 34.38 -5.66 11.75
CA GLU A 672 34.37 -5.67 11.76
C GLU A 672 34.34 -6.69 10.62
N LEU A 673 33.54 -6.41 9.60
CA LEU A 673 33.31 -7.37 8.51
C LEU A 673 33.92 -6.93 7.17
N ALA A 674 34.84 -5.97 7.22
CA ALA A 674 35.36 -5.35 6.00
C ALA A 674 35.83 -6.33 4.92
N ASP A 675 36.63 -7.32 5.32
CA ASP A 675 37.20 -8.26 4.36
C ASP A 675 36.12 -9.15 3.75
N GLU A 676 35.24 -9.66 4.60
CA GLU A 676 34.14 -10.53 4.18
C GLU A 676 33.16 -9.78 3.27
N LEU A 677 32.82 -8.54 3.61
CA LEU A 677 31.93 -7.73 2.79
C LEU A 677 32.47 -7.50 1.38
N LEU A 678 33.76 -7.19 1.29
CA LEU A 678 34.38 -6.98 -0.02
C LEU A 678 34.39 -8.28 -0.84
N ALA A 679 34.72 -9.39 -0.18
CA ALA A 679 34.75 -10.70 -0.86
C ALA A 679 33.38 -11.05 -1.45
N ILE A 680 32.33 -10.82 -0.67
CA ILE A 680 30.98 -11.16 -1.11
C ILE A 680 30.46 -10.18 -2.18
N TYR A 681 30.83 -8.91 -2.03
CA TYR A 681 30.55 -7.90 -3.04
C TYR A 681 31.13 -8.33 -4.40
N ASN A 682 32.40 -8.70 -4.42
CA ASN A 682 33.05 -9.14 -5.65
C ASN A 682 32.48 -10.44 -6.20
N ALA A 683 32.16 -11.38 -5.30
CA ALA A 683 31.70 -12.71 -5.71
C ALA A 683 30.35 -12.65 -6.40
N ASN A 684 29.59 -11.60 -6.12
CA ASN A 684 28.24 -11.49 -6.66
C ASN A 684 28.10 -10.54 -7.84
N TYR A 685 29.25 -10.09 -8.38
CA TYR A 685 29.26 -9.32 -9.62
C TYR A 685 28.57 -10.10 -10.74
N GLN A 686 27.75 -9.39 -11.51
CA GLN A 686 27.06 -9.98 -12.67
C GLN A 686 27.24 -9.06 -13.87
N SER A 687 27.82 -9.59 -14.95
CA SER A 687 28.04 -8.77 -16.15
C SER A 687 26.74 -8.54 -16.93
N GLU A 688 25.91 -9.58 -17.05
CA GLU A 688 24.58 -9.45 -17.67
C GLU A 688 23.59 -8.90 -16.66
N TYR A 689 22.70 -8.01 -17.12
CA TYR A 689 21.56 -7.57 -16.30
C TYR A 689 20.29 -8.31 -16.71
N ARG A 690 19.65 -8.98 -15.74
CA ARG A 690 18.42 -9.71 -15.98
C ARG A 690 17.43 -9.40 -14.88
N VAL A 691 16.18 -9.17 -15.26
CA VAL A 691 15.10 -9.08 -14.27
C VAL A 691 14.60 -10.51 -14.06
N GLU A 692 15.41 -11.28 -13.34
CA GLU A 692 15.16 -12.67 -13.05
C GLU A 692 15.51 -12.89 -11.59
N HIS A 693 14.72 -13.69 -10.89
CA HIS A 693 14.79 -13.72 -9.44
C HIS A 693 16.14 -14.13 -8.86
N GLU A 694 16.82 -15.08 -9.50
N GLU A 694 16.81 -15.09 -9.50
CA GLU A 694 18.15 -15.47 -9.01
CA GLU A 694 18.15 -15.49 -9.05
C GLU A 694 19.15 -14.32 -9.15
C GLU A 694 19.13 -14.31 -9.14
N ASP A 695 19.09 -13.62 -10.28
CA ASP A 695 19.95 -12.46 -10.52
C ASP A 695 19.62 -11.31 -9.56
N ILE A 696 18.33 -11.07 -9.35
CA ILE A 696 17.90 -10.01 -8.43
C ILE A 696 18.44 -10.29 -7.02
N ALA A 697 18.37 -11.55 -6.60
CA ALA A 697 18.86 -11.95 -5.27
C ALA A 697 20.36 -11.66 -5.11
N LYS A 698 21.16 -12.09 -6.09
CA LYS A 698 22.60 -11.84 -6.03
C LYS A 698 22.93 -10.34 -6.02
N ARG A 699 22.20 -9.58 -6.81
CA ARG A 699 22.40 -8.14 -6.88
C ARG A 699 21.97 -7.45 -5.57
N THR A 700 20.86 -7.91 -5.00
CA THR A 700 20.43 -7.37 -3.70
C THR A 700 21.49 -7.62 -2.62
N LEU A 701 22.09 -8.82 -2.64
CA LEU A 701 23.17 -9.14 -1.72
C LEU A 701 24.43 -8.29 -1.97
N ARG A 702 24.83 -8.18 -3.24
CA ARG A 702 25.97 -7.33 -3.59
C ARG A 702 25.78 -5.90 -3.09
N ASN A 703 24.59 -5.32 -3.35
CA ASN A 703 24.34 -3.95 -2.95
C ASN A 703 24.16 -3.78 -1.44
N ALA A 704 23.71 -4.83 -0.75
CA ALA A 704 23.65 -4.82 0.71
C ALA A 704 25.08 -4.72 1.26
N CYS A 705 26.01 -5.43 0.62
CA CYS A 705 27.43 -5.36 1.00
C CYS A 705 28.01 -3.97 0.70
N LEU A 706 27.70 -3.44 -0.48
CA LEU A 706 28.14 -2.10 -0.83
C LEU A 706 27.71 -1.05 0.21
N ARG A 707 26.49 -1.20 0.73
CA ARG A 707 26.01 -0.26 1.73
C ARG A 707 26.95 -0.17 2.94
N PHE A 708 27.35 -1.32 3.47
CA PHE A 708 28.31 -1.35 4.58
C PHE A 708 29.66 -0.82 4.13
N LEU A 709 30.12 -1.25 2.95
CA LEU A 709 31.43 -0.82 2.46
C LEU A 709 31.53 0.70 2.29
N ALA A 710 30.42 1.35 1.94
CA ALA A 710 30.36 2.80 1.84
C ALA A 710 30.67 3.50 3.16
N PHE A 711 30.36 2.81 4.27
CA PHE A 711 30.54 3.33 5.63
C PHE A 711 31.83 2.83 6.26
N GLY A 712 32.70 2.24 5.44
CA GLY A 712 34.02 1.78 5.90
C GLY A 712 35.07 2.85 5.67
N GLU A 713 36.32 2.43 5.46
CA GLU A 713 37.42 3.35 5.21
C GLU A 713 37.09 4.24 4.01
N THR A 714 37.27 5.55 4.19
CA THR A 714 36.75 6.58 3.27
C THR A 714 37.27 6.47 1.84
N HIS A 715 38.58 6.31 1.66
CA HIS A 715 39.12 6.27 0.31
C HIS A 715 38.63 5.06 -0.48
N LEU A 716 38.68 3.87 0.12
CA LEU A 716 38.18 2.66 -0.52
C LEU A 716 36.70 2.81 -0.83
N ALA A 717 35.94 3.31 0.14
CA ALA A 717 34.50 3.54 -0.03
C ALA A 717 34.22 4.43 -1.24
N ASP A 718 34.93 5.56 -1.31
CA ASP A 718 34.72 6.54 -2.37
C ASP A 718 35.03 5.95 -3.74
N VAL A 719 36.10 5.17 -3.83
CA VAL A 719 36.49 4.52 -5.09
C VAL A 719 35.46 3.47 -5.51
N LEU A 720 35.05 2.63 -4.57
CA LEU A 720 34.10 1.55 -4.82
C LEU A 720 32.76 2.12 -5.32
N VAL A 721 32.29 3.15 -4.64
CA VAL A 721 30.99 3.74 -4.93
C VAL A 721 30.98 4.50 -6.26
N SER A 722 31.98 5.35 -6.47
N SER A 722 31.98 5.35 -6.47
CA SER A 722 32.06 6.12 -7.71
CA SER A 722 32.06 6.13 -7.72
C SER A 722 32.19 5.19 -8.92
C SER A 722 32.22 5.20 -8.93
N LYS A 723 33.02 4.15 -8.76
CA LYS A 723 33.21 3.14 -9.81
C LYS A 723 31.90 2.43 -10.15
N GLN A 724 31.16 2.00 -9.13
CA GLN A 724 29.89 1.32 -9.43
C GLN A 724 28.89 2.24 -10.14
N PHE A 725 28.81 3.49 -9.71
CA PHE A 725 27.91 4.46 -10.34
C PHE A 725 28.24 4.63 -11.82
N HIS A 726 29.53 4.77 -12.12
CA HIS A 726 29.97 5.02 -13.49
C HIS A 726 29.95 3.79 -14.39
N GLU A 727 30.16 2.62 -13.79
CA GLU A 727 30.23 1.36 -14.55
C GLU A 727 28.93 0.58 -14.62
N ALA A 728 27.97 0.95 -13.78
CA ALA A 728 26.66 0.29 -13.76
C ALA A 728 26.04 0.20 -15.16
N ASN A 729 25.49 -0.96 -15.49
CA ASN A 729 24.76 -1.13 -16.75
C ASN A 729 23.26 -1.20 -16.53
N ASN A 730 22.82 -0.73 -15.36
CA ASN A 730 21.40 -0.75 -15.00
C ASN A 730 21.17 0.23 -13.86
N MET A 731 19.92 0.69 -13.70
CA MET A 731 19.61 1.68 -12.68
C MET A 731 19.68 1.14 -11.24
N THR A 732 19.45 -0.16 -11.05
CA THR A 732 19.56 -0.75 -9.70
C THR A 732 20.95 -0.49 -9.12
N ASP A 733 21.98 -0.81 -9.89
CA ASP A 733 23.35 -0.67 -9.41
C ASP A 733 23.79 0.80 -9.36
N ALA A 734 23.34 1.60 -10.32
CA ALA A 734 23.65 3.04 -10.31
C ALA A 734 23.04 3.71 -9.08
N LEU A 735 21.77 3.43 -8.82
CA LEU A 735 21.09 4.06 -7.69
C LEU A 735 21.63 3.57 -6.35
N ALA A 736 21.99 2.29 -6.25
CA ALA A 736 22.59 1.78 -5.03
C ALA A 736 23.87 2.54 -4.69
N ALA A 737 24.67 2.80 -5.71
CA ALA A 737 25.90 3.56 -5.52
C ALA A 737 25.61 5.01 -5.14
N LEU A 738 24.70 5.66 -5.86
CA LEU A 738 24.33 7.04 -5.57
C LEU A 738 23.80 7.18 -4.15
N SER A 739 22.91 6.26 -3.76
CA SER A 739 22.32 6.27 -2.43
CA SER A 739 22.32 6.26 -2.43
C SER A 739 23.37 6.15 -1.34
N ALA A 740 24.36 5.27 -1.56
CA ALA A 740 25.46 5.05 -0.62
C ALA A 740 26.34 6.31 -0.50
N ALA A 741 26.59 6.98 -1.62
CA ALA A 741 27.36 8.23 -1.62
C ALA A 741 26.68 9.31 -0.78
N VAL A 742 25.35 9.40 -0.89
CA VAL A 742 24.59 10.34 -0.06
C VAL A 742 24.58 9.90 1.41
N ALA A 743 24.28 8.62 1.64
CA ALA A 743 24.14 8.11 3.03
C ALA A 743 25.43 8.27 3.84
N ALA A 744 26.57 7.97 3.20
CA ALA A 744 27.87 8.00 3.88
C ALA A 744 28.59 9.33 3.72
N GLN A 745 27.95 10.27 3.03
CA GLN A 745 28.48 11.62 2.77
C GLN A 745 29.89 11.54 2.18
N LEU A 746 30.02 10.71 1.15
CA LEU A 746 31.32 10.48 0.52
C LEU A 746 31.78 11.66 -0.31
N PRO A 747 33.12 11.81 -0.48
CA PRO A 747 33.65 12.88 -1.32
C PRO A 747 32.96 12.99 -2.70
N CYS A 748 32.69 11.87 -3.35
CA CYS A 748 32.12 11.88 -4.70
C CYS A 748 30.65 12.30 -4.77
N ARG A 749 29.99 12.43 -3.63
CA ARG A 749 28.54 12.65 -3.58
C ARG A 749 28.05 13.77 -4.51
N ASP A 750 28.58 14.98 -4.33
CA ASP A 750 28.12 16.14 -5.09
C ASP A 750 28.30 15.98 -6.60
N ALA A 751 29.44 15.42 -7.01
CA ALA A 751 29.69 15.16 -8.43
C ALA A 751 28.66 14.19 -9.01
N LEU A 752 28.46 13.06 -8.34
CA LEU A 752 27.50 12.05 -8.80
C LEU A 752 26.07 12.58 -8.85
N MET A 753 25.67 13.33 -7.82
CA MET A 753 24.32 13.91 -7.79
C MET A 753 24.12 14.90 -8.94
N GLN A 754 25.15 15.69 -9.24
CA GLN A 754 25.06 16.62 -10.36
C GLN A 754 24.97 15.88 -11.70
N GLU A 755 25.76 14.82 -11.84
N GLU A 755 25.76 14.83 -11.85
CA GLU A 755 25.77 14.02 -13.07
CA GLU A 755 25.76 14.02 -13.08
C GLU A 755 24.40 13.38 -13.35
C GLU A 755 24.37 13.45 -13.34
N TYR A 756 23.75 12.93 -12.29
CA TYR A 756 22.43 12.30 -12.41
C TYR A 756 21.38 13.34 -12.83
N ASP A 757 21.39 14.50 -12.17
CA ASP A 757 20.54 15.63 -12.54
C ASP A 757 20.73 16.00 -14.03
N ASP A 758 21.98 16.22 -14.42
CA ASP A 758 22.26 16.60 -15.81
C ASP A 758 21.75 15.57 -16.82
N LYS A 759 21.85 14.29 -16.47
CA LYS A 759 21.44 13.21 -17.35
C LYS A 759 19.92 13.04 -17.39
N TRP A 760 19.29 13.21 -16.23
CA TRP A 760 17.94 12.71 -16.06
C TRP A 760 16.84 13.76 -15.79
N HIS A 761 17.21 15.03 -15.73
CA HIS A 761 16.28 16.08 -15.30
C HIS A 761 14.93 16.12 -16.04
N GLN A 762 14.94 15.66 -17.29
N GLN A 762 14.93 15.66 -17.29
CA GLN A 762 13.76 15.67 -18.15
CA GLN A 762 13.73 15.68 -18.14
C GLN A 762 12.77 14.56 -17.79
C GLN A 762 12.82 14.48 -17.92
N ASN A 763 13.22 13.59 -17.00
CA ASN A 763 12.45 12.39 -16.69
C ASN A 763 11.99 12.41 -15.24
N GLY A 764 10.73 12.76 -15.03
CA GLY A 764 10.20 12.94 -13.68
C GLY A 764 10.31 11.71 -12.80
N LEU A 765 9.99 10.54 -13.36
CA LEU A 765 10.04 9.31 -12.57
C LEU A 765 11.45 8.98 -12.12
N VAL A 766 12.42 9.22 -13.00
CA VAL A 766 13.81 8.99 -12.63
C VAL A 766 14.26 10.03 -11.60
N MET A 767 13.81 11.27 -11.77
CA MET A 767 14.19 12.32 -10.82
C MET A 767 13.57 12.13 -9.43
N ASP A 768 12.43 11.42 -9.37
CA ASP A 768 11.83 11.09 -8.07
C ASP A 768 12.83 10.38 -7.16
N LYS A 769 13.66 9.50 -7.74
CA LYS A 769 14.65 8.78 -6.94
C LYS A 769 15.67 9.74 -6.35
N TRP A 770 16.03 10.75 -7.15
CA TRP A 770 17.02 11.77 -6.77
C TRP A 770 16.44 12.70 -5.70
N PHE A 771 15.17 13.10 -5.86
CA PHE A 771 14.50 13.90 -4.84
C PHE A 771 14.42 13.14 -3.50
N ILE A 772 14.13 11.84 -3.57
CA ILE A 772 14.13 11.02 -2.36
C ILE A 772 15.49 11.01 -1.66
N LEU A 773 16.56 10.85 -2.45
CA LEU A 773 17.91 10.89 -1.87
C LEU A 773 18.22 12.25 -1.24
N GLN A 774 17.81 13.33 -1.91
CA GLN A 774 18.01 14.67 -1.35
C GLN A 774 17.24 14.84 -0.03
N ALA A 775 15.97 14.39 -0.05
CA ALA A 775 15.09 14.55 1.11
C ALA A 775 15.50 13.72 2.32
N THR A 776 16.15 12.58 2.07
CA THR A 776 16.52 11.65 3.14
C THR A 776 18.02 11.73 3.49
N SER A 777 18.68 12.77 2.99
CA SER A 777 20.11 12.97 3.23
C SER A 777 20.41 13.20 4.70
N PRO A 778 21.51 12.61 5.22
CA PRO A 778 21.94 12.88 6.60
C PRO A 778 22.69 14.21 6.77
N ALA A 779 22.89 14.94 5.67
CA ALA A 779 23.62 16.22 5.72
C ALA A 779 22.97 17.23 6.66
N ALA A 780 23.80 18.01 7.36
CA ALA A 780 23.31 19.02 8.30
C ALA A 780 22.38 20.04 7.65
N ASN A 781 22.63 20.35 6.38
CA ASN A 781 21.86 21.38 5.67
C ASN A 781 20.70 20.83 4.82
N VAL A 782 20.25 19.61 5.15
CA VAL A 782 19.22 18.95 4.34
C VAL A 782 17.94 19.81 4.11
N LEU A 783 17.42 20.45 5.15
CA LEU A 783 16.20 21.24 4.99
C LEU A 783 16.42 22.42 4.04
N GLU A 784 17.57 23.09 4.17
CA GLU A 784 17.94 24.16 3.27
C GLU A 784 17.94 23.66 1.82
N THR A 785 18.50 22.47 1.61
CA THR A 785 18.58 21.90 0.27
C THR A 785 17.19 21.58 -0.25
N VAL A 786 16.38 20.93 0.59
CA VAL A 786 15.00 20.58 0.25
C VAL A 786 14.17 21.84 -0.14
N ARG A 787 14.25 22.88 0.69
N ARG A 787 14.26 22.89 0.69
CA ARG A 787 13.57 24.13 0.39
CA ARG A 787 13.56 24.13 0.39
C ARG A 787 13.97 24.69 -0.98
C ARG A 787 13.98 24.70 -0.98
N GLY A 788 15.28 24.67 -1.25
CA GLY A 788 15.80 25.17 -2.53
C GLY A 788 15.29 24.35 -3.71
N LEU A 789 15.11 23.04 -3.49
CA LEU A 789 14.65 22.13 -4.54
C LEU A 789 13.18 22.36 -4.94
N LEU A 790 12.43 23.13 -4.16
CA LEU A 790 11.09 23.54 -4.58
C LEU A 790 11.15 24.36 -5.87
N GLN A 791 12.33 24.92 -6.17
CA GLN A 791 12.56 25.68 -7.40
C GLN A 791 13.28 24.87 -8.48
N HIS A 792 13.54 23.59 -8.22
CA HIS A 792 14.27 22.76 -9.17
C HIS A 792 13.51 22.57 -10.48
N ARG A 793 14.25 22.51 -11.58
CA ARG A 793 13.65 22.35 -12.91
C ARG A 793 12.76 21.11 -13.05
N SER A 794 13.03 20.09 -12.25
CA SER A 794 12.31 18.83 -12.32
C SER A 794 11.17 18.72 -11.29
N PHE A 795 11.05 19.72 -10.42
CA PHE A 795 10.01 19.71 -9.38
C PHE A 795 8.81 20.56 -9.76
N THR A 796 7.61 20.10 -9.38
CA THR A 796 6.43 20.95 -9.47
C THR A 796 5.39 20.56 -8.43
N MET A 797 4.79 21.58 -7.81
CA MET A 797 3.71 21.36 -6.83
C MET A 797 2.44 20.81 -7.48
N SER A 798 2.39 20.83 -8.82
CA SER A 798 1.22 20.33 -9.53
C SER A 798 1.22 18.81 -9.70
N ASN A 799 2.31 18.15 -9.32
CA ASN A 799 2.44 16.71 -9.54
C ASN A 799 2.62 15.91 -8.26
N PRO A 800 1.62 15.08 -7.91
CA PRO A 800 1.68 14.29 -6.68
C PRO A 800 2.96 13.48 -6.51
N ASN A 801 3.48 12.89 -7.60
CA ASN A 801 4.69 12.10 -7.48
C ASN A 801 5.89 12.97 -7.04
N ARG A 802 6.03 14.16 -7.63
CA ARG A 802 7.12 15.06 -7.25
C ARG A 802 6.96 15.49 -5.80
N ILE A 803 5.72 15.84 -5.41
CA ILE A 803 5.45 16.27 -4.05
C ILE A 803 5.85 15.20 -3.04
N ARG A 804 5.45 13.96 -3.33
CA ARG A 804 5.74 12.84 -2.45
C ARG A 804 7.23 12.52 -2.34
N SER A 805 7.93 12.68 -3.46
N SER A 805 7.94 12.66 -3.46
CA SER A 805 9.34 12.30 -3.55
CA SER A 805 9.36 12.28 -3.51
C SER A 805 10.27 13.30 -2.86
C SER A 805 10.27 13.31 -2.85
N LEU A 806 9.84 14.57 -2.81
CA LEU A 806 10.63 15.61 -2.15
C LEU A 806 10.10 15.94 -0.75
N ILE A 807 8.85 16.41 -0.69
CA ILE A 807 8.29 16.87 0.58
C ILE A 807 7.89 15.67 1.45
N GLY A 808 7.19 14.71 0.87
CA GLY A 808 6.74 13.53 1.60
C GLY A 808 7.90 12.73 2.17
N ALA A 809 8.94 12.56 1.36
CA ALA A 809 10.12 11.80 1.79
C ALA A 809 10.86 12.50 2.92
N PHE A 810 10.91 13.82 2.87
CA PHE A 810 11.52 14.58 3.96
C PHE A 810 10.77 14.35 5.28
N ALA A 811 9.46 14.59 5.26
CA ALA A 811 8.68 14.51 6.50
C ALA A 811 8.53 13.08 7.03
N GLY A 812 8.33 12.13 6.11
CA GLY A 812 8.05 10.74 6.49
C GLY A 812 9.27 9.83 6.60
N SER A 813 10.28 10.09 5.77
CA SER A 813 11.43 9.19 5.67
C SER A 813 12.74 9.80 6.16
N ASN A 814 12.69 11.07 6.57
CA ASN A 814 13.83 11.66 7.28
C ASN A 814 13.39 12.17 8.66
N PRO A 815 12.89 11.25 9.53
CA PRO A 815 12.41 11.75 10.82
C PRO A 815 13.47 12.51 11.65
N ALA A 816 14.75 12.17 11.51
CA ALA A 816 15.79 12.93 12.24
C ALA A 816 15.81 14.42 11.87
N ALA A 817 15.65 14.73 10.58
CA ALA A 817 15.63 16.12 10.11
C ALA A 817 14.26 16.74 10.30
N PHE A 818 13.20 15.99 10.00
CA PHE A 818 11.84 16.47 10.21
C PHE A 818 11.64 16.88 11.67
N HIS A 819 12.20 16.08 12.58
CA HIS A 819 12.09 16.33 14.02
C HIS A 819 13.30 17.08 14.57
N ALA A 820 13.95 17.90 13.73
CA ALA A 820 15.01 18.80 14.21
C ALA A 820 14.51 19.54 15.44
N GLU A 821 15.36 19.67 16.46
CA GLU A 821 14.93 20.23 17.74
C GLU A 821 14.48 21.70 17.65
N ASP A 822 14.92 22.41 16.63
CA ASP A 822 14.49 23.80 16.43
C ASP A 822 13.07 23.94 15.85
N GLY A 823 12.45 22.81 15.52
CA GLY A 823 11.07 22.81 15.00
C GLY A 823 10.96 23.25 13.55
N SER A 824 12.11 23.43 12.89
CA SER A 824 12.14 23.88 11.50
C SER A 824 11.43 22.91 10.53
N GLY A 825 11.51 21.62 10.81
CA GLY A 825 10.81 20.61 10.02
C GLY A 825 9.31 20.78 10.03
N TYR A 826 8.75 21.02 11.20
CA TYR A 826 7.30 21.20 11.35
C TYR A 826 6.84 22.45 10.61
N LEU A 827 7.62 23.53 10.72
CA LEU A 827 7.25 24.80 10.09
C LEU A 827 7.25 24.66 8.57
N PHE A 828 8.23 23.94 8.05
CA PHE A 828 8.30 23.68 6.62
C PHE A 828 7.06 22.91 6.16
N LEU A 829 6.71 21.85 6.87
CA LEU A 829 5.54 21.05 6.50
C LEU A 829 4.26 21.87 6.55
N VAL A 830 4.13 22.72 7.58
CA VAL A 830 2.98 23.63 7.64
C VAL A 830 2.84 24.52 6.39
N GLU A 831 3.96 25.08 5.96
N GLU A 831 3.96 25.09 5.95
CA GLU A 831 3.99 25.92 4.75
CA GLU A 831 3.95 25.92 4.75
C GLU A 831 3.49 25.11 3.54
C GLU A 831 3.47 25.11 3.54
N MET A 832 3.99 23.89 3.40
CA MET A 832 3.63 23.04 2.26
C MET A 832 2.15 22.64 2.30
N LEU A 833 1.68 22.30 3.51
CA LEU A 833 0.29 21.87 3.69
C LEU A 833 -0.71 23.01 3.52
N THR A 834 -0.26 24.22 3.80
CA THR A 834 -1.09 25.40 3.57
C THR A 834 -1.44 25.54 2.08
N ASP A 835 -0.45 25.27 1.23
CA ASP A 835 -0.66 25.22 -0.22
C ASP A 835 -1.55 24.03 -0.58
N LEU A 836 -1.12 22.83 -0.16
CA LEU A 836 -1.76 21.59 -0.61
C LEU A 836 -3.20 21.41 -0.12
N ASN A 837 -3.52 21.98 1.03
CA ASN A 837 -4.88 21.93 1.53
C ASN A 837 -5.87 22.44 0.49
N SER A 838 -5.49 23.49 -0.23
CA SER A 838 -6.34 24.11 -1.25
C SER A 838 -6.17 23.41 -2.60
N ARG A 839 -4.95 23.01 -2.90
CA ARG A 839 -4.63 22.47 -4.23
C ARG A 839 -5.08 21.01 -4.39
N ASN A 840 -4.71 20.18 -3.42
CA ASN A 840 -4.87 18.73 -3.55
C ASN A 840 -4.97 18.16 -2.14
N PRO A 841 -6.17 18.21 -1.55
CA PRO A 841 -6.35 17.72 -0.18
C PRO A 841 -5.92 16.27 0.05
N GLN A 842 -6.07 15.41 -0.95
CA GLN A 842 -5.65 14.01 -0.77
C GLN A 842 -4.15 13.90 -0.53
N VAL A 843 -3.37 14.63 -1.33
CA VAL A 843 -1.91 14.61 -1.14
C VAL A 843 -1.54 15.30 0.17
N ALA A 844 -2.28 16.38 0.50
CA ALA A 844 -2.08 17.07 1.78
C ALA A 844 -2.26 16.09 2.94
N SER A 845 -3.30 15.27 2.84
CA SER A 845 -3.61 14.32 3.91
C SER A 845 -2.55 13.22 4.03
N ARG A 846 -1.97 12.80 2.90
CA ARG A 846 -0.86 11.85 2.95
CA ARG A 846 -0.86 11.85 2.95
C ARG A 846 0.31 12.48 3.69
N LEU A 847 0.59 13.75 3.39
CA LEU A 847 1.75 14.46 3.93
C LEU A 847 1.63 14.90 5.38
N ILE A 848 0.41 15.01 5.91
CA ILE A 848 0.26 15.42 7.31
C ILE A 848 0.53 14.29 8.29
N GLU A 849 0.54 13.05 7.78
CA GLU A 849 0.66 11.88 8.65
C GLU A 849 1.80 11.96 9.68
N PRO A 850 3.02 12.38 9.27
CA PRO A 850 4.09 12.45 10.28
C PRO A 850 3.82 13.41 11.46
N LEU A 851 2.96 14.40 11.23
CA LEU A 851 2.66 15.39 12.26
C LEU A 851 1.67 14.86 13.28
N ILE A 852 0.82 13.92 12.88
CA ILE A 852 -0.21 13.42 13.79
C ILE A 852 0.32 12.37 14.78
N ARG A 853 1.61 12.03 14.64
CA ARG A 853 2.25 11.06 15.52
C ARG A 853 2.85 11.73 16.75
N LEU A 854 2.44 12.97 17.02
CA LEU A 854 3.07 13.78 18.06
C LEU A 854 3.18 13.13 19.44
N LYS A 855 2.20 12.30 19.83
N LYS A 855 2.21 12.29 19.81
CA LYS A 855 2.23 11.72 21.18
CA LYS A 855 2.18 11.67 21.14
C LYS A 855 3.33 10.67 21.36
C LYS A 855 3.24 10.58 21.33
N ARG A 856 3.94 10.24 20.26
CA ARG A 856 5.07 9.31 20.31
C ARG A 856 6.40 10.02 20.63
N TYR A 857 6.35 11.35 20.73
CA TYR A 857 7.57 12.15 20.88
C TYR A 857 7.68 12.84 22.24
N ASP A 858 8.87 13.34 22.55
CA ASP A 858 9.11 14.01 23.83
C ASP A 858 8.28 15.29 23.95
N ALA A 859 8.13 15.77 25.19
CA ALA A 859 7.24 16.91 25.48
C ALA A 859 7.53 18.16 24.66
N LYS A 860 8.80 18.49 24.50
CA LYS A 860 9.20 19.67 23.75
C LYS A 860 8.79 19.58 22.28
N ARG A 861 9.01 18.41 21.69
CA ARG A 861 8.60 18.19 20.30
C ARG A 861 7.08 18.17 20.17
N GLN A 862 6.40 17.53 21.12
CA GLN A 862 4.94 17.49 21.13
C GLN A 862 4.34 18.89 21.09
N GLU A 863 4.89 19.80 21.89
CA GLU A 863 4.31 21.14 21.93
CA GLU A 863 4.42 21.20 21.96
C GLU A 863 4.50 21.90 20.61
N LYS A 864 5.64 21.72 19.94
CA LYS A 864 5.85 22.33 18.62
C LYS A 864 4.93 21.71 17.56
N MET A 865 4.75 20.39 17.64
CA MET A 865 3.89 19.69 16.68
C MET A 865 2.43 20.09 16.89
N ARG A 866 2.02 20.20 18.16
CA ARG A 866 0.69 20.65 18.51
C ARG A 866 0.44 22.06 17.97
N ALA A 867 1.41 22.95 18.13
CA ALA A 867 1.34 24.32 17.60
C ALA A 867 1.16 24.32 16.08
N ALA A 868 1.90 23.43 15.40
CA ALA A 868 1.79 23.30 13.95
C ALA A 868 0.39 22.84 13.53
N LEU A 869 -0.11 21.83 14.23
CA LEU A 869 -1.47 21.31 13.98
C LEU A 869 -2.55 22.38 14.22
N GLU A 870 -2.38 23.17 15.29
N GLU A 870 -2.38 23.17 15.28
CA GLU A 870 -3.33 24.25 15.60
CA GLU A 870 -3.34 24.24 15.58
C GLU A 870 -3.34 25.33 14.52
C GLU A 870 -3.35 25.32 14.49
N GLN A 871 -2.18 25.62 13.95
CA GLN A 871 -2.09 26.57 12.83
CA GLN A 871 -2.08 26.56 12.83
C GLN A 871 -2.88 26.04 11.63
N LEU A 872 -2.69 24.76 11.33
CA LEU A 872 -3.42 24.15 10.22
C LEU A 872 -4.93 24.09 10.48
N LYS A 873 -5.31 23.83 11.74
CA LYS A 873 -6.73 23.75 12.11
C LYS A 873 -7.43 25.06 11.78
N GLY A 874 -6.67 26.15 11.83
CA GLY A 874 -7.22 27.48 11.60
C GLY A 874 -7.26 27.95 10.15
N LEU A 875 -6.87 27.08 9.23
CA LEU A 875 -6.86 27.46 7.80
C LEU A 875 -8.26 27.80 7.31
N GLU A 876 -8.34 28.88 6.53
CA GLU A 876 -9.54 29.17 5.75
C GLU A 876 -9.73 28.00 4.77
N ASN A 877 -10.96 27.54 4.65
CA ASN A 877 -11.33 26.45 3.74
C ASN A 877 -10.51 25.18 4.02
N LEU A 878 -10.41 24.82 5.30
CA LEU A 878 -9.77 23.57 5.71
C LEU A 878 -10.53 22.40 5.10
N SER A 879 -9.80 21.55 4.39
CA SER A 879 -10.40 20.39 3.75
C SER A 879 -10.86 19.38 4.80
N GLY A 880 -11.91 18.62 4.48
CA GLY A 880 -12.34 17.52 5.34
C GLY A 880 -11.24 16.50 5.55
N ASP A 881 -10.45 16.28 4.50
CA ASP A 881 -9.33 15.35 4.55
C ASP A 881 -8.41 15.68 5.73
N LEU A 882 -8.03 16.95 5.85
CA LEU A 882 -7.12 17.37 6.92
C LEU A 882 -7.84 17.52 8.25
N TYR A 883 -9.07 18.04 8.18
CA TYR A 883 -9.88 18.22 9.40
C TYR A 883 -9.97 16.93 10.20
N GLU A 884 -10.25 15.83 9.51
CA GLU A 884 -10.40 14.55 10.20
C GLU A 884 -9.13 14.17 10.97
N LYS A 885 -7.98 14.32 10.32
CA LYS A 885 -6.73 13.92 10.95
C LYS A 885 -6.31 14.90 12.05
N ILE A 886 -6.48 16.20 11.81
CA ILE A 886 -6.07 17.23 12.77
C ILE A 886 -6.88 17.10 14.05
N THR A 887 -8.19 16.94 13.91
CA THR A 887 -9.06 16.85 15.08
CA THR A 887 -9.08 16.84 15.08
C THR A 887 -8.71 15.63 15.95
N LYS A 888 -8.45 14.49 15.31
CA LYS A 888 -8.04 13.30 16.06
C LYS A 888 -6.69 13.52 16.75
N ALA A 889 -5.75 14.17 16.06
CA ALA A 889 -4.40 14.39 16.60
C ALA A 889 -4.40 15.32 17.81
N LEU A 890 -5.30 16.30 17.80
CA LEU A 890 -5.32 17.32 18.85
C LEU A 890 -6.19 16.93 20.03
N ALA A 891 -6.94 15.82 19.89
CA ALA A 891 -7.83 15.34 20.95
C ALA A 891 -7.03 14.88 22.17
ZN ZN B . -6.85 -2.41 -4.44
NA NA C . 8.15 -18.48 -5.35
NA NA D . 11.39 -20.56 30.35
N LYS E . -8.79 0.83 -5.58
CA LYS E . -7.44 1.44 -5.77
C LYS E . -6.38 0.40 -5.50
O LYS E . -5.29 0.43 -6.09
CB LYS E . -7.22 2.63 -4.80
CG LYS E . -8.29 3.73 -4.87
CD LYS E . -7.88 4.99 -4.09
CE LYS E . -9.08 5.90 -3.79
NZ LYS E . -8.68 7.21 -3.19
OXT LYS E . -6.60 -0.46 -4.64
C1 MLI F . 23.05 3.78 7.49
C2 MLI F . 22.57 3.58 6.07
C3 MLI F . 22.27 4.88 8.17
O6 MLI F . 22.81 2.50 5.51
O7 MLI F . 21.94 4.50 5.51
O8 MLI F . 22.86 5.94 8.44
O9 MLI F . 21.06 4.68 8.42
C1 MLI G . -0.11 4.59 -3.44
C2 MLI G . 1.18 4.29 -4.15
C3 MLI G . 0.13 4.69 -1.96
O6 MLI G . 1.78 5.22 -4.73
O7 MLI G . 1.61 3.11 -4.12
O8 MLI G . -0.85 4.57 -1.20
O9 MLI G . 1.28 4.88 -1.51
C1 MLI H . -43.00 19.14 -14.04
C2 MLI H . -43.93 20.31 -14.30
C3 MLI H . -43.38 18.37 -12.80
O6 MLI H . -44.57 20.84 -13.35
O7 MLI H . -44.01 20.74 -15.46
O8 MLI H . -42.58 18.41 -11.81
O9 MLI H . -44.45 17.72 -12.83
C1 GOL I . 11.36 -14.61 16.17
O1 GOL I . 12.54 -13.86 16.29
C2 GOL I . 11.61 -15.83 15.27
O2 GOL I . 10.58 -15.91 14.30
C3 GOL I . 11.52 -17.05 16.15
O3 GOL I . 10.31 -16.91 16.86
C1 GOL J . -36.09 21.66 -15.75
O1 GOL J . -34.69 21.85 -15.92
C2 GOL J . -36.74 22.48 -14.65
O2 GOL J . -35.90 23.40 -13.98
C3 GOL J . -38.04 23.13 -15.11
O3 GOL J . -38.40 24.23 -14.31
C1 GOL K . -31.92 23.80 -13.83
C1 GOL K . -31.84 23.62 -13.89
O1 GOL K . -32.96 24.05 -14.76
O1 GOL K . -33.03 23.98 -14.57
C2 GOL K . -31.07 25.04 -13.62
C2 GOL K . -31.14 24.87 -13.35
O2 GOL K . -31.89 26.14 -13.30
O2 GOL K . -32.02 25.58 -12.49
C3 GOL K . -30.13 24.81 -12.45
C3 GOL K . -30.67 25.76 -14.48
O3 GOL K . -30.02 25.99 -11.67
O3 GOL K . -29.90 26.83 -13.96
C1 GOL L . 27.58 -3.29 -13.24
O1 GOL L . 26.21 -3.04 -13.45
C2 GOL L . 27.83 -3.06 -11.76
O2 GOL L . 27.21 -4.09 -11.03
C3 GOL L . 29.32 -3.02 -11.46
O3 GOL L . 29.50 -2.52 -10.16
C1 GOL M . -1.51 1.56 1.69
C1 GOL M . -1.67 0.95 1.69
O1 GOL M . -0.52 0.84 2.38
O1 GOL M . -1.24 -0.14 0.90
C2 GOL M . -1.82 0.85 0.37
C2 GOL M . -1.37 2.25 0.96
O2 GOL M . -0.64 0.45 -0.29
O2 GOL M . -2.55 2.74 0.36
C3 GOL M . -2.68 1.77 -0.49
C3 GOL M . -0.80 3.27 1.94
O3 GOL M . -1.97 2.18 -1.63
O3 GOL M . -1.82 3.78 2.76
C1 GOL N . -2.00 -0.72 -4.47
C1 GOL N . -1.53 -0.74 -2.82
O1 GOL N . -1.93 -1.73 -3.48
O1 GOL N . -2.00 -2.06 -2.62
C2 GOL N . -0.69 0.05 -4.60
C2 GOL N . -2.22 -0.14 -4.04
O2 GOL N . -0.98 1.39 -4.95
O2 GOL N . -2.19 1.27 -3.94
C3 GOL N . 0.09 0.05 -3.28
C3 GOL N . -1.51 -0.60 -5.31
O3 GOL N . 1.32 0.70 -3.44
O3 GOL N . -1.39 -1.99 -5.33
C1 GOL O . -18.17 24.69 -13.55
O1 GOL O . -18.15 24.01 -14.78
C2 GOL O . -18.72 23.79 -12.46
O2 GOL O . -17.85 22.70 -12.27
C3 GOL O . -18.78 24.60 -11.16
O3 GOL O . -20.00 24.37 -10.49
C1 GOL P . 2.01 -22.15 8.00
C1 GOL P . 1.54 -20.99 7.60
O1 GOL P . 0.65 -22.23 8.37
O1 GOL P . 2.43 -21.33 6.56
C2 GOL P . 2.79 -21.16 8.88
C2 GOL P . 2.24 -21.00 8.94
O2 GOL P . 3.56 -21.88 9.82
O2 GOL P . 1.95 -22.21 9.62
C3 GOL P . 1.88 -20.16 9.58
C3 GOL P . 1.77 -19.81 9.79
O3 GOL P . 1.56 -19.11 8.69
O3 GOL P . 1.05 -18.87 9.02
C1 GOL Q . 24.35 4.77 -15.31
C1 GOL Q . 24.77 5.31 -14.71
O1 GOL Q . 25.64 4.22 -15.11
O1 GOL Q . 26.15 5.35 -14.99
C2 GOL Q . 24.23 6.10 -14.59
C2 GOL Q . 24.29 6.66 -14.18
O2 GOL Q . 25.01 7.08 -15.24
O2 GOL Q . 24.71 7.70 -15.04
C3 GOL Q . 22.77 6.55 -14.55
C3 GOL Q . 22.77 6.66 -14.03
O3 GOL Q . 22.66 7.76 -13.83
O3 GOL Q . 22.14 6.64 -15.29
#